data_5YUV
#
_entry.id   5YUV
#
_cell.length_a   86.660
_cell.length_b   56.940
_cell.length_c   109.780
_cell.angle_alpha   90.00
_cell.angle_beta   95.00
_cell.angle_gamma   90.00
#
_symmetry.space_group_name_H-M   'P 1 21 1'
#
loop_
_entity.id
_entity.type
_entity.pdbx_description
1 polymer 'DNA polymerase IV'
2 polymer DTN1
3 polymer DTN2
4 non-polymer 'MAGNESIUM ION'
5 non-polymer "THYMIDINE-5'-TRIPHOSPHATE"
6 water water
#
loop_
_entity_poly.entity_id
_entity_poly.type
_entity_poly.pdbx_seq_one_letter_code
_entity_poly.pdbx_strand_id
1 'polypeptide(L)'
;GSRKIIHVDMDCFFAAVEMRDNPALRDIPIAIGGSRERRGVISTANYPARKFGVRSAMPTGMALKLCPHLTLLPGRFDAY
KEASNHIREIFSRYTSRIEPLSLDEAYLDVTDSVHCHGSATLIAQEIRQTIFNELQLTASAGVAPVKFLAKIASDMNKPN
GQFVITPAEVPAFLQTLPLAKIPGVGKVSAAKLEAMGLRTCGDVQKCDLVMLLKRFGKFGRILWERSQGIDERDVNSERL
RKSVGVERTMAEDIHHWSECEAIIERLYPELERRLAKVKPDLLIARQGVKLKFDDFQQTTQEHVWPRLNKADLIATARKT
WDERRGGRGVRLVGLHVTLLDPQMERQLVLGL
;
F,A
2 'polydeoxyribonucleotide' (DT)(DC)(DT)(DA)(DG)(DG)(DG)(DT)(DC)(DC)(DT)(DA)(DG)(DG)(DA)(DC)(DC)(DC) G,B,C
3 'polydeoxyribonucleotide' (DT)(DC)(DT)(DA)(DG)(DG)(DG)(DT)(DC)(DC)(DT)(DA)(DG)(DG)(DA)(DC)(DC)(DC)(DT) H
#
loop_
_chem_comp.id
_chem_comp.type
_chem_comp.name
_chem_comp.formula
DA DNA linking 2'-DEOXYADENOSINE-5'-MONOPHOSPHATE 'C10 H14 N5 O6 P'
DC DNA linking 2'-DEOXYCYTIDINE-5'-MONOPHOSPHATE 'C9 H14 N3 O7 P'
DG DNA linking 2'-DEOXYGUANOSINE-5'-MONOPHOSPHATE 'C10 H14 N5 O7 P'
DT DNA linking THYMIDINE-5'-MONOPHOSPHATE 'C10 H15 N2 O8 P'
MG non-polymer 'MAGNESIUM ION' 'Mg 2'
TTP non-polymer THYMIDINE-5'-TRIPHOSPHATE 'C10 H17 N2 O14 P3'
#
# COMPACT_ATOMS: atom_id res chain seq x y z
N GLY A 1 32.00 -33.55 -4.69
CA GLY A 1 31.79 -32.51 -5.69
C GLY A 1 31.87 -31.09 -5.16
N SER A 2 32.56 -30.90 -4.04
CA SER A 2 32.67 -29.57 -3.44
C SER A 2 33.56 -28.67 -4.29
N ARG A 3 33.02 -27.53 -4.73
CA ARG A 3 33.78 -26.50 -5.42
C ARG A 3 34.50 -25.61 -4.41
N LYS A 4 35.46 -24.84 -4.91
CA LYS A 4 36.13 -23.82 -4.10
C LYS A 4 35.91 -22.46 -4.78
N ILE A 5 35.12 -21.60 -4.13
CA ILE A 5 34.80 -20.27 -4.67
C ILE A 5 35.46 -19.21 -3.80
N ILE A 6 36.21 -18.34 -4.43
CA ILE A 6 36.74 -17.16 -3.75
C ILE A 6 35.92 -15.96 -4.20
N HIS A 7 35.59 -15.08 -3.25
CA HIS A 7 35.09 -13.75 -3.53
C HIS A 7 36.10 -12.76 -2.99
N VAL A 8 36.64 -11.91 -3.89
CA VAL A 8 37.60 -10.88 -3.53
C VAL A 8 36.91 -9.53 -3.66
N ASP A 9 37.15 -8.64 -2.68
CA ASP A 9 36.41 -7.40 -2.55
C ASP A 9 37.36 -6.33 -2.03
N MET A 10 37.59 -5.27 -2.80
CA MET A 10 38.48 -4.19 -2.35
C MET A 10 37.86 -3.46 -1.17
N ASP A 11 38.72 -3.05 -0.24
CA ASP A 11 38.29 -2.29 0.94
C ASP A 11 38.11 -0.81 0.60
N CYS A 12 36.95 -0.25 0.94
CA CYS A 12 36.64 1.18 0.77
C CYS A 12 37.12 1.72 -0.56
N PHE A 13 36.72 1.01 -1.63
CA PHE A 13 37.47 1.03 -2.88
C PHE A 13 37.79 2.45 -3.36
N PHE A 14 36.76 3.30 -3.61
CA PHE A 14 37.06 4.63 -4.15
C PHE A 14 37.88 5.45 -3.18
N ALA A 15 37.50 5.40 -1.89
CA ALA A 15 38.22 6.17 -0.88
C ALA A 15 39.66 5.64 -0.74
N ALA A 16 39.85 4.33 -0.83
CA ALA A 16 41.21 3.79 -0.73
C ALA A 16 42.07 4.26 -1.89
N VAL A 17 41.46 4.44 -3.07
CA VAL A 17 42.24 4.94 -4.21
C VAL A 17 42.63 6.40 -3.96
N GLU A 18 41.70 7.21 -3.45
CA GLU A 18 41.96 8.63 -3.22
C GLU A 18 43.01 8.85 -2.12
N MET A 19 43.12 7.94 -1.17
CA MET A 19 44.14 8.08 -0.13
C MET A 19 45.52 7.69 -0.65
N ARG A 20 45.61 6.59 -1.40
CA ARG A 20 46.88 6.20 -2.00
C ARG A 20 47.43 7.33 -2.85
N ASP A 21 46.56 7.94 -3.68
CA ASP A 21 46.96 8.98 -4.59
C ASP A 21 47.13 10.33 -3.91
N ASN A 22 46.71 10.47 -2.66
CA ASN A 22 46.90 11.72 -1.92
C ASN A 22 46.89 11.41 -0.43
N PRO A 23 48.05 11.09 0.14
CA PRO A 23 48.05 10.58 1.52
C PRO A 23 47.64 11.60 2.56
N ALA A 24 47.44 12.86 2.18
CA ALA A 24 46.90 13.82 3.13
C ALA A 24 45.52 13.41 3.62
N LEU A 25 44.79 12.64 2.81
CA LEU A 25 43.44 12.21 3.16
C LEU A 25 43.43 10.93 3.99
N ARG A 26 44.61 10.38 4.33
CA ARG A 26 44.68 9.08 4.97
C ARG A 26 43.96 9.07 6.33
N ASP A 27 44.05 10.16 7.09
CA ASP A 27 43.65 10.09 8.49
C ASP A 27 42.48 11.00 8.83
N ILE A 28 41.90 11.67 7.85
CA ILE A 28 40.74 12.53 8.10
C ILE A 28 39.52 11.85 7.49
N PRO A 29 38.32 12.15 7.97
CA PRO A 29 37.11 11.58 7.35
C PRO A 29 36.90 12.14 5.95
N ILE A 30 36.86 11.24 4.96
CA ILE A 30 36.62 11.58 3.57
C ILE A 30 35.55 10.67 2.99
N ALA A 31 34.85 11.17 1.98
CA ALA A 31 33.86 10.39 1.25
C ALA A 31 33.84 10.86 -0.18
N ILE A 32 33.58 9.95 -1.09
CA ILE A 32 33.29 10.30 -2.47
C ILE A 32 31.78 10.43 -2.60
N GLY A 33 31.33 11.56 -3.11
CA GLY A 33 29.90 11.77 -3.26
C GLY A 33 29.65 13.20 -3.68
N GLY A 34 28.41 13.44 -4.12
CA GLY A 34 28.04 14.79 -4.53
C GLY A 34 27.78 15.69 -3.35
N SER A 35 27.94 16.98 -3.57
CA SER A 35 27.74 17.95 -2.52
C SER A 35 26.27 18.03 -2.12
N ARG A 36 26.04 18.57 -0.93
CA ARG A 36 24.68 18.86 -0.48
C ARG A 36 23.99 19.80 -1.46
N GLU A 37 24.74 20.79 -1.97
CA GLU A 37 24.18 21.71 -2.95
C GLU A 37 23.78 20.98 -4.24
N ARG A 38 24.56 19.98 -4.65
CA ARG A 38 24.18 19.20 -5.82
C ARG A 38 23.25 18.04 -5.46
N ARG A 39 22.74 18.01 -4.23
CA ARG A 39 21.74 17.04 -3.75
C ARG A 39 22.25 15.61 -3.86
N GLY A 40 23.50 15.41 -3.47
CA GLY A 40 24.17 14.16 -3.71
C GLY A 40 23.98 13.15 -2.60
N VAL A 41 24.55 11.97 -2.83
CA VAL A 41 24.69 10.94 -1.80
C VAL A 41 26.15 10.50 -1.76
N ILE A 42 26.47 9.75 -0.72
CA ILE A 42 27.80 9.19 -0.52
C ILE A 42 27.94 7.96 -1.39
N SER A 43 29.00 7.92 -2.21
CA SER A 43 29.32 6.68 -2.92
C SER A 43 30.02 5.71 -1.98
N THR A 44 31.04 6.19 -1.28
CA THR A 44 31.67 5.43 -0.20
C THR A 44 32.43 6.40 0.71
N ALA A 45 32.86 5.90 1.86
CA ALA A 45 33.63 6.69 2.80
C ALA A 45 34.79 5.85 3.34
N ASN A 46 35.80 6.53 3.87
CA ASN A 46 36.90 5.80 4.49
C ASN A 46 36.51 5.46 5.93
N TYR A 47 37.40 4.74 6.63
CA TYR A 47 37.05 4.31 7.98
C TYR A 47 36.96 5.46 8.98
N PRO A 48 37.83 6.47 8.92
CA PRO A 48 37.62 7.64 9.80
C PRO A 48 36.24 8.29 9.66
N ALA A 49 35.63 8.31 8.46
CA ALA A 49 34.27 8.82 8.31
C ALA A 49 33.21 7.81 8.74
N ARG A 50 33.43 6.52 8.43
CA ARG A 50 32.51 5.46 8.86
C ARG A 50 32.31 5.44 10.38
N LYS A 51 33.34 5.78 11.14
CA LYS A 51 33.22 5.93 12.59
C LYS A 51 32.05 6.86 12.97
N PHE A 52 31.78 7.89 12.16
CA PHE A 52 30.70 8.82 12.47
C PHE A 52 29.33 8.33 12.03
N GLY A 53 29.25 7.16 11.39
CA GLY A 53 28.02 6.70 10.77
C GLY A 53 27.89 6.96 9.29
N VAL A 54 28.92 7.53 8.65
CA VAL A 54 28.86 7.79 7.21
C VAL A 54 28.88 6.47 6.44
N ARG A 55 27.88 6.27 5.57
CA ARG A 55 27.70 5.02 4.81
C ARG A 55 27.40 5.33 3.34
N SER A 56 27.72 4.37 2.45
CA SER A 56 27.28 4.43 1.06
C SER A 56 25.77 4.58 1.00
N ALA A 57 25.29 5.35 0.03
CA ALA A 57 23.88 5.64 -0.26
C ALA A 57 23.27 6.63 0.73
N MET A 58 24.00 7.09 1.71
CA MET A 58 23.45 8.08 2.62
C MET A 58 23.41 9.44 1.94
N PRO A 59 22.31 10.18 2.02
CA PRO A 59 22.29 11.55 1.48
C PRO A 59 23.40 12.38 2.10
N THR A 60 24.04 13.20 1.25
CA THR A 60 25.23 13.91 1.71
C THR A 60 24.90 14.87 2.84
N GLY A 61 23.70 15.47 2.83
CA GLY A 61 23.30 16.33 3.95
C GLY A 61 23.21 15.58 5.26
N MET A 62 22.85 14.29 5.21
CA MET A 62 22.88 13.53 6.45
C MET A 62 24.31 13.19 6.84
N ALA A 63 25.15 12.85 5.87
CA ALA A 63 26.55 12.54 6.17
C ALA A 63 27.23 13.70 6.87
N LEU A 64 26.94 14.92 6.44
CA LEU A 64 27.63 16.08 6.98
C LEU A 64 27.10 16.46 8.36
N LYS A 65 25.83 16.17 8.64
CA LYS A 65 25.31 16.39 9.98
C LYS A 65 25.92 15.39 10.96
N LEU A 66 26.20 14.18 10.48
CA LEU A 66 26.92 13.20 11.30
C LEU A 66 28.37 13.56 11.46
N CYS A 67 28.98 14.12 10.43
CA CYS A 67 30.44 14.30 10.36
C CYS A 67 30.74 15.66 9.74
N PRO A 68 30.69 16.73 10.54
CA PRO A 68 30.79 18.08 9.97
C PRO A 68 32.09 18.36 9.25
N HIS A 69 33.18 17.68 9.61
CA HIS A 69 34.46 17.88 8.94
C HIS A 69 34.66 16.94 7.77
N LEU A 70 33.63 16.19 7.38
CA LEU A 70 33.75 15.30 6.24
C LEU A 70 34.33 16.03 5.03
N THR A 71 35.40 15.48 4.46
CA THR A 71 35.96 16.03 3.23
C THR A 71 35.35 15.28 2.04
N LEU A 72 34.75 16.03 1.13
CA LEU A 72 33.93 15.50 0.06
C LEU A 72 34.72 15.55 -1.24
N LEU A 73 34.82 14.42 -1.92
CA LEU A 73 35.61 14.26 -3.12
C LEU A 73 34.71 13.89 -4.29
N PRO A 74 35.05 14.32 -5.52
CA PRO A 74 34.14 14.09 -6.65
C PRO A 74 34.31 12.73 -7.33
N GLY A 75 35.44 12.07 -7.15
CA GLY A 75 35.55 10.81 -7.85
C GLY A 75 36.26 10.87 -9.18
N ARG A 76 37.21 9.96 -9.36
CA ARG A 76 38.07 9.87 -10.55
C ARG A 76 37.87 8.47 -11.12
N PHE A 77 36.89 8.32 -12.00
CA PHE A 77 36.48 6.98 -12.38
C PHE A 77 37.52 6.28 -13.24
N ASP A 78 38.37 7.02 -13.96
CA ASP A 78 39.44 6.38 -14.71
C ASP A 78 40.50 5.78 -13.78
N ALA A 79 40.79 6.45 -12.66
CA ALA A 79 41.69 5.84 -11.68
C ALA A 79 41.10 4.57 -11.08
N TYR A 80 39.80 4.57 -10.82
CA TYR A 80 39.20 3.36 -10.28
C TYR A 80 39.17 2.26 -11.33
N LYS A 81 38.87 2.63 -12.57
CA LYS A 81 38.84 1.66 -13.65
C LYS A 81 40.22 1.05 -13.86
N GLU A 82 41.27 1.85 -13.66
CA GLU A 82 42.62 1.35 -13.81
C GLU A 82 42.96 0.37 -12.70
N ALA A 83 42.55 0.67 -11.46
CA ALA A 83 42.79 -0.29 -10.41
C ALA A 83 42.05 -1.60 -10.70
N SER A 84 40.81 -1.49 -11.16
CA SER A 84 40.01 -2.67 -11.48
C SER A 84 40.70 -3.54 -12.52
N ASN A 85 41.17 -2.93 -13.62
CA ASN A 85 41.84 -3.73 -14.64
C ASN A 85 43.03 -4.46 -14.05
N HIS A 86 43.74 -3.80 -13.14
CA HIS A 86 44.96 -4.34 -12.59
C HIS A 86 44.67 -5.54 -11.66
N ILE A 87 43.65 -5.42 -10.80
CA ILE A 87 43.37 -6.56 -9.93
C ILE A 87 42.79 -7.71 -10.75
N ARG A 88 42.09 -7.41 -11.85
CA ARG A 88 41.57 -8.49 -12.69
C ARG A 88 42.68 -9.20 -13.43
N GLU A 89 43.73 -8.48 -13.83
CA GLU A 89 44.88 -9.17 -14.38
C GLU A 89 45.54 -10.04 -13.32
N ILE A 90 45.57 -9.56 -12.07
CA ILE A 90 46.13 -10.36 -10.98
C ILE A 90 45.31 -11.63 -10.79
N PHE A 91 43.97 -11.54 -10.85
CA PHE A 91 43.14 -12.75 -10.76
C PHE A 91 43.47 -13.74 -11.87
N SER A 92 43.78 -13.23 -13.06
CA SER A 92 44.02 -14.11 -14.18
C SER A 92 45.33 -14.90 -14.03
N ARG A 93 46.23 -14.49 -13.14
CA ARG A 93 47.44 -15.29 -12.94
C ARG A 93 47.15 -16.58 -12.19
N TYR A 94 45.96 -16.71 -11.59
CA TYR A 94 45.61 -17.88 -10.80
C TYR A 94 44.55 -18.77 -11.44
N THR A 95 43.67 -18.19 -12.25
CA THR A 95 42.60 -18.92 -12.91
C THR A 95 42.02 -18.03 -13.99
N SER A 96 41.39 -18.67 -14.97
CA SER A 96 40.59 -17.95 -15.95
C SER A 96 39.11 -17.93 -15.58
N ARG A 97 38.73 -18.60 -14.49
CA ARG A 97 37.34 -18.65 -14.04
C ARG A 97 37.09 -17.44 -13.13
N ILE A 98 36.84 -16.30 -13.76
CA ILE A 98 36.70 -15.00 -13.11
C ILE A 98 35.38 -14.38 -13.54
N GLU A 99 34.51 -14.10 -12.58
CA GLU A 99 33.29 -13.35 -12.85
C GLU A 99 33.34 -12.04 -12.08
N PRO A 100 33.72 -10.94 -12.73
CA PRO A 100 33.66 -9.64 -12.06
C PRO A 100 32.21 -9.26 -11.83
N LEU A 101 31.94 -8.66 -10.67
CA LEU A 101 30.61 -8.19 -10.33
C LEU A 101 30.48 -6.68 -10.37
N SER A 102 31.60 -5.98 -10.38
CA SER A 102 31.65 -4.52 -10.41
C SER A 102 33.12 -4.17 -10.54
N LEU A 103 33.46 -2.87 -10.49
CA LEU A 103 34.87 -2.49 -10.56
C LEU A 103 35.72 -3.28 -9.58
N ASP A 104 35.28 -3.35 -8.33
CA ASP A 104 36.16 -3.73 -7.23
C ASP A 104 35.96 -5.15 -6.70
N GLU A 105 35.22 -6.02 -7.39
CA GLU A 105 35.05 -7.34 -6.80
C GLU A 105 34.81 -8.38 -7.88
N ALA A 106 35.06 -9.64 -7.51
CA ALA A 106 34.89 -10.74 -8.44
C ALA A 106 34.77 -12.05 -7.68
N TYR A 107 34.04 -12.99 -8.30
CA TYR A 107 34.09 -14.40 -7.95
C TYR A 107 35.18 -15.10 -8.74
N LEU A 108 35.90 -16.00 -8.07
CA LEU A 108 36.89 -16.86 -8.70
C LEU A 108 36.52 -18.30 -8.42
N ASP A 109 36.57 -19.16 -9.43
CA ASP A 109 36.40 -20.60 -9.19
C ASP A 109 37.79 -21.22 -9.24
N VAL A 110 38.25 -21.72 -8.09
CA VAL A 110 39.60 -22.28 -8.01
C VAL A 110 39.55 -23.78 -7.70
N THR A 111 38.40 -24.41 -7.94
CA THR A 111 38.25 -25.85 -7.75
C THR A 111 39.35 -26.62 -8.44
N ASP A 112 39.57 -26.35 -9.72
CA ASP A 112 40.55 -27.07 -10.52
C ASP A 112 41.91 -26.41 -10.47
N SER A 113 42.14 -25.49 -9.53
CA SER A 113 43.36 -24.72 -9.57
C SER A 113 44.54 -25.55 -9.07
N VAL A 114 45.71 -25.24 -9.64
CA VAL A 114 46.96 -25.93 -9.36
C VAL A 114 47.83 -25.16 -8.36
N HIS A 115 47.63 -23.85 -8.22
CA HIS A 115 48.47 -23.02 -7.37
C HIS A 115 48.25 -23.35 -5.88
N CYS A 116 49.25 -23.01 -5.08
CA CYS A 116 49.23 -23.11 -3.62
C CYS A 116 48.65 -24.45 -3.13
N HIS A 117 49.10 -25.54 -3.75
CA HIS A 117 48.73 -26.90 -3.36
C HIS A 117 47.21 -27.09 -3.31
N GLY A 118 46.50 -26.42 -4.22
CA GLY A 118 45.06 -26.48 -4.23
C GLY A 118 44.37 -25.83 -3.04
N SER A 119 45.13 -25.13 -2.19
CA SER A 119 44.54 -24.41 -1.08
C SER A 119 43.90 -23.11 -1.57
N ALA A 120 42.57 -23.06 -1.53
CA ALA A 120 41.85 -21.82 -1.81
C ALA A 120 42.17 -20.76 -0.75
N THR A 121 42.36 -21.18 0.51
CA THR A 121 42.71 -20.22 1.55
C THR A 121 44.01 -19.51 1.20
N LEU A 122 45.00 -20.27 0.73
CA LEU A 122 46.31 -19.69 0.44
C LEU A 122 46.29 -18.90 -0.86
N ILE A 123 45.50 -19.33 -1.84
CA ILE A 123 45.36 -18.55 -3.06
C ILE A 123 44.77 -17.17 -2.74
N ALA A 124 43.75 -17.13 -1.88
CA ALA A 124 43.10 -15.87 -1.54
C ALA A 124 44.06 -14.94 -0.82
N GLN A 125 44.89 -15.50 0.06
CA GLN A 125 45.91 -14.72 0.73
C GLN A 125 46.96 -14.21 -0.26
N GLU A 126 47.37 -15.06 -1.21
CA GLU A 126 48.37 -14.60 -2.17
C GLU A 126 47.82 -13.48 -3.06
N ILE A 127 46.56 -13.61 -3.47
CA ILE A 127 45.92 -12.56 -4.26
C ILE A 127 45.83 -11.26 -3.46
N ARG A 128 45.41 -11.35 -2.19
CA ARG A 128 45.33 -10.12 -1.40
C ARG A 128 46.72 -9.49 -1.27
N GLN A 129 47.75 -10.31 -1.05
CA GLN A 129 49.10 -9.79 -0.88
C GLN A 129 49.61 -9.16 -2.17
N THR A 130 49.37 -9.81 -3.31
CA THR A 130 49.81 -9.27 -4.60
C THR A 130 49.14 -7.93 -4.87
N ILE A 131 47.84 -7.85 -4.65
CA ILE A 131 47.10 -6.60 -4.83
C ILE A 131 47.75 -5.50 -4.01
N PHE A 132 48.07 -5.80 -2.75
CA PHE A 132 48.68 -4.78 -1.91
C PHE A 132 50.08 -4.42 -2.41
N ASN A 133 50.86 -5.42 -2.80
CA ASN A 133 52.23 -5.15 -3.23
C ASN A 133 52.27 -4.32 -4.51
N GLU A 134 51.33 -4.56 -5.43
CA GLU A 134 51.37 -3.93 -6.75
C GLU A 134 50.45 -2.73 -6.91
N LEU A 135 49.45 -2.57 -6.06
CA LEU A 135 48.57 -1.41 -6.15
C LEU A 135 48.55 -0.56 -4.90
N GLN A 136 49.18 -1.00 -3.82
CA GLN A 136 49.09 -0.34 -2.50
C GLN A 136 47.65 -0.06 -2.10
N LEU A 137 46.77 -1.02 -2.37
CA LEU A 137 45.41 -1.03 -1.84
C LEU A 137 45.18 -2.39 -1.18
N THR A 138 44.29 -2.43 -0.20
CA THR A 138 44.02 -3.71 0.47
C THR A 138 42.72 -4.29 -0.01
N ALA A 139 42.64 -5.61 0.06
CA ALA A 139 41.45 -6.35 -0.31
C ALA A 139 41.13 -7.35 0.78
N SER A 140 39.86 -7.71 0.87
CA SER A 140 39.39 -8.76 1.74
C SER A 140 38.88 -9.89 0.87
N ALA A 141 38.76 -11.08 1.44
CA ALA A 141 38.32 -12.20 0.62
C ALA A 141 37.44 -13.12 1.44
N GLY A 142 36.59 -13.83 0.72
CA GLY A 142 35.81 -14.91 1.32
C GLY A 142 36.01 -16.16 0.50
N VAL A 143 36.06 -17.30 1.19
CA VAL A 143 36.24 -18.61 0.58
C VAL A 143 35.12 -19.50 1.09
N ALA A 144 34.42 -20.19 0.19
CA ALA A 144 33.27 -21.01 0.54
C ALA A 144 33.04 -22.00 -0.59
N PRO A 145 32.13 -22.96 -0.40
CA PRO A 145 31.83 -23.91 -1.49
C PRO A 145 30.87 -23.38 -2.55
N VAL A 146 30.17 -22.27 -2.31
CA VAL A 146 29.23 -21.70 -3.27
C VAL A 146 29.38 -20.18 -3.28
N LYS A 147 28.77 -19.53 -4.30
CA LYS A 147 28.92 -18.09 -4.50
C LYS A 147 28.49 -17.27 -3.29
N PHE A 148 27.22 -17.42 -2.86
CA PHE A 148 26.72 -16.42 -1.92
C PHE A 148 27.44 -16.51 -0.59
N LEU A 149 27.85 -17.70 -0.17
CA LEU A 149 28.56 -17.82 1.09
C LEU A 149 29.94 -17.20 0.99
N ALA A 150 30.58 -17.31 -0.18
CA ALA A 150 31.88 -16.68 -0.36
C ALA A 150 31.77 -15.17 -0.29
N LYS A 151 30.69 -14.62 -0.84
CA LYS A 151 30.45 -13.19 -0.80
C LYS A 151 30.12 -12.74 0.62
N ILE A 152 29.33 -13.51 1.37
CA ILE A 152 29.14 -13.15 2.78
C ILE A 152 30.46 -13.25 3.54
N ALA A 153 31.25 -14.30 3.26
CA ALA A 153 32.49 -14.48 3.97
C ALA A 153 33.45 -13.32 3.79
N SER A 154 33.46 -12.67 2.61
CA SER A 154 34.45 -11.61 2.42
C SER A 154 34.16 -10.38 3.26
N ASP A 155 32.94 -10.19 3.74
CA ASP A 155 32.61 -9.08 4.62
C ASP A 155 33.00 -9.29 6.08
N MET A 156 33.37 -10.50 6.49
CA MET A 156 33.41 -10.78 7.92
C MET A 156 34.73 -10.46 8.58
N ASN A 157 35.81 -10.50 7.82
CA ASN A 157 37.13 -10.09 8.28
C ASN A 157 37.64 -8.86 7.53
N LYS A 158 36.74 -7.96 7.10
CA LYS A 158 37.11 -6.68 6.51
C LYS A 158 37.50 -5.68 7.61
N PRO A 159 38.45 -4.77 7.34
CA PRO A 159 39.26 -4.70 6.13
C PRO A 159 40.49 -5.56 6.21
N ASN A 160 41.11 -5.78 5.06
CA ASN A 160 42.40 -6.43 4.94
C ASN A 160 42.43 -7.76 5.71
N GLY A 161 41.49 -8.62 5.37
CA GLY A 161 41.39 -9.93 6.02
C GLY A 161 40.58 -10.86 5.16
N GLN A 162 40.40 -12.08 5.63
CA GLN A 162 39.58 -13.04 4.90
C GLN A 162 38.93 -14.01 5.88
N PHE A 163 38.00 -14.81 5.35
CA PHE A 163 37.25 -15.77 6.13
C PHE A 163 36.90 -16.95 5.23
N VAL A 164 37.04 -18.16 5.78
CA VAL A 164 36.86 -19.43 5.06
C VAL A 164 35.72 -20.21 5.70
N ILE A 165 34.81 -20.70 4.86
CA ILE A 165 33.68 -21.53 5.30
C ILE A 165 33.84 -22.90 4.65
N THR A 166 34.12 -23.95 5.45
CA THR A 166 34.17 -25.30 4.87
C THR A 166 32.77 -25.90 4.81
N PRO A 167 32.58 -26.96 4.02
CA PRO A 167 31.26 -27.61 4.02
C PRO A 167 30.83 -28.07 5.41
N ALA A 168 31.79 -28.56 6.20
CA ALA A 168 31.48 -28.95 7.57
C ALA A 168 30.89 -27.78 8.38
N GLU A 169 31.36 -26.56 8.13
CA GLU A 169 30.91 -25.41 8.91
C GLU A 169 29.62 -24.77 8.40
N VAL A 170 29.11 -25.19 7.24
CA VAL A 170 27.98 -24.48 6.63
C VAL A 170 26.72 -24.54 7.47
N PRO A 171 26.33 -25.67 8.06
CA PRO A 171 25.07 -25.69 8.84
C PRO A 171 25.06 -24.73 10.03
N ALA A 172 26.12 -24.71 10.84
CA ALA A 172 26.14 -23.78 11.96
C ALA A 172 26.18 -22.34 11.45
N PHE A 173 26.91 -22.09 10.37
CA PHE A 173 26.90 -20.75 9.77
C PHE A 173 25.49 -20.33 9.36
N LEU A 174 24.72 -21.24 8.75
CA LEU A 174 23.40 -20.86 8.24
C LEU A 174 22.38 -20.63 9.35
N GLN A 175 22.53 -21.33 10.47
CA GLN A 175 21.45 -21.44 11.44
C GLN A 175 21.00 -20.07 11.92
N THR A 176 21.95 -19.19 12.22
CA THR A 176 21.67 -17.86 12.73
C THR A 176 21.92 -16.78 11.70
N LEU A 177 22.15 -17.14 10.45
CA LEU A 177 22.46 -16.15 9.41
C LEU A 177 21.22 -15.33 9.07
N PRO A 178 21.22 -14.01 9.31
CA PRO A 178 20.05 -13.21 8.95
C PRO A 178 19.83 -13.24 7.45
N LEU A 179 18.55 -13.23 7.06
CA LEU A 179 18.21 -13.32 5.65
C LEU A 179 18.66 -12.08 4.88
N ALA A 180 18.67 -10.91 5.54
CA ALA A 180 19.13 -9.68 4.89
C ALA A 180 20.57 -9.77 4.43
N LYS A 181 21.35 -10.69 5.00
CA LYS A 181 22.73 -10.88 4.56
C LYS A 181 22.82 -11.56 3.20
N ILE A 182 21.76 -12.22 2.75
CA ILE A 182 21.84 -12.93 1.47
C ILE A 182 21.79 -11.90 0.33
N PRO A 183 22.74 -11.93 -0.60
CA PRO A 183 22.68 -10.96 -1.72
C PRO A 183 21.42 -11.18 -2.54
N GLY A 184 20.64 -10.10 -2.72
CA GLY A 184 19.33 -10.21 -3.32
C GLY A 184 18.18 -10.08 -2.34
N VAL A 185 18.42 -10.23 -1.05
CA VAL A 185 17.40 -10.00 -0.05
C VAL A 185 17.66 -8.61 0.51
N GLY A 186 16.89 -7.62 0.04
CA GLY A 186 17.06 -6.25 0.46
C GLY A 186 16.08 -5.86 1.55
N LYS A 187 16.00 -4.55 1.77
CA LYS A 187 15.18 -4.00 2.84
C LYS A 187 13.71 -4.39 2.69
N VAL A 188 13.17 -4.31 1.48
CA VAL A 188 11.75 -4.59 1.29
C VAL A 188 11.47 -6.06 1.55
N SER A 189 12.29 -6.94 0.99
CA SER A 189 12.09 -8.36 1.21
C SER A 189 12.33 -8.74 2.66
N ALA A 190 13.37 -8.19 3.28
CA ALA A 190 13.66 -8.55 4.67
C ALA A 190 12.52 -8.15 5.58
N ALA A 191 11.88 -7.00 5.30
CA ALA A 191 10.75 -6.54 6.09
C ALA A 191 9.53 -7.43 5.89
N LYS A 192 9.25 -7.85 4.65
CA LYS A 192 8.17 -8.82 4.45
C LYS A 192 8.48 -10.14 5.14
N LEU A 193 9.73 -10.61 5.02
CA LEU A 193 10.10 -11.85 5.68
C LEU A 193 9.99 -11.72 7.19
N GLU A 194 10.45 -10.60 7.75
CA GLU A 194 10.34 -10.39 9.19
C GLU A 194 8.88 -10.36 9.63
N ALA A 195 8.02 -9.70 8.87
CA ALA A 195 6.62 -9.59 9.26
C ALA A 195 5.91 -10.93 9.31
N MET A 196 6.44 -11.96 8.64
CA MET A 196 5.86 -13.28 8.81
C MET A 196 6.73 -14.17 9.70
N GLY A 197 7.60 -13.57 10.51
CA GLY A 197 8.38 -14.34 11.47
C GLY A 197 9.64 -14.99 10.92
N LEU A 198 10.12 -14.57 9.75
CA LEU A 198 11.29 -15.19 9.13
C LEU A 198 12.43 -14.16 9.14
N ARG A 199 13.43 -14.40 9.99
CA ARG A 199 14.58 -13.53 10.13
C ARG A 199 15.87 -14.17 9.68
N THR A 200 16.04 -15.48 9.88
CA THR A 200 17.29 -16.18 9.66
C THR A 200 17.08 -17.35 8.69
N CYS A 201 18.19 -17.90 8.20
CA CYS A 201 18.06 -19.08 7.36
C CYS A 201 17.54 -20.26 8.17
N GLY A 202 17.88 -20.28 9.46
CA GLY A 202 17.29 -21.27 10.37
C GLY A 202 15.78 -21.25 10.31
N ASP A 203 15.18 -20.06 10.40
CA ASP A 203 13.74 -19.94 10.27
C ASP A 203 13.24 -20.48 8.92
N VAL A 204 13.90 -20.10 7.82
CA VAL A 204 13.41 -20.52 6.51
C VAL A 204 13.56 -22.02 6.31
N GLN A 205 14.55 -22.64 6.96
CA GLN A 205 14.64 -24.09 6.92
C GLN A 205 13.39 -24.74 7.49
N LYS A 206 12.73 -24.10 8.45
CA LYS A 206 11.51 -24.63 9.04
C LYS A 206 10.28 -24.36 8.19
N CYS A 207 10.47 -24.00 6.90
CA CYS A 207 9.40 -23.58 6.01
C CYS A 207 9.22 -24.55 4.86
N ASP A 208 7.98 -24.60 4.37
CA ASP A 208 7.64 -25.43 3.22
C ASP A 208 7.96 -24.66 1.94
N LEU A 209 8.71 -25.31 1.04
CA LEU A 209 8.99 -24.73 -0.27
C LEU A 209 7.72 -24.30 -0.99
N VAL A 210 6.66 -25.11 -0.93
CA VAL A 210 5.43 -24.77 -1.64
C VAL A 210 4.87 -23.44 -1.13
N MET A 211 4.85 -23.26 0.20
CA MET A 211 4.39 -21.99 0.74
C MET A 211 5.22 -20.82 0.19
N LEU A 212 6.54 -20.96 0.21
CA LEU A 212 7.40 -19.86 -0.23
C LEU A 212 7.20 -19.57 -1.71
N LEU A 213 7.03 -20.61 -2.54
CA LEU A 213 6.78 -20.40 -3.96
C LEU A 213 5.48 -19.65 -4.20
N LYS A 214 4.44 -19.92 -3.41
CA LYS A 214 3.19 -19.20 -3.59
C LYS A 214 3.35 -17.74 -3.20
N ARG A 215 3.98 -17.48 -2.05
CA ARG A 215 4.06 -16.12 -1.54
C ARG A 215 5.08 -15.27 -2.27
N PHE A 216 6.18 -15.85 -2.74
CA PHE A 216 7.27 -15.07 -3.31
C PHE A 216 7.65 -15.47 -4.73
N GLY A 217 7.01 -16.51 -5.30
CA GLY A 217 7.42 -16.91 -6.64
C GLY A 217 8.86 -17.41 -6.66
N LYS A 218 9.53 -17.17 -7.80
CA LYS A 218 10.88 -17.69 -7.98
C LYS A 218 11.82 -17.22 -6.88
N PHE A 219 11.55 -16.05 -6.31
CA PHE A 219 12.31 -15.61 -5.15
C PHE A 219 12.11 -16.55 -3.96
N GLY A 220 10.92 -17.13 -3.82
CA GLY A 220 10.70 -18.11 -2.77
C GLY A 220 11.59 -19.33 -2.91
N ARG A 221 11.79 -19.80 -4.14
CA ARG A 221 12.72 -20.90 -4.36
C ARG A 221 14.15 -20.50 -4.02
N ILE A 222 14.58 -19.31 -4.45
CA ILE A 222 15.96 -18.90 -4.14
C ILE A 222 16.14 -18.79 -2.62
N LEU A 223 15.15 -18.26 -1.92
CA LEU A 223 15.21 -18.17 -0.47
C LEU A 223 15.33 -19.57 0.15
N TRP A 224 14.49 -20.50 -0.29
CA TRP A 224 14.54 -21.85 0.27
C TRP A 224 15.91 -22.48 0.04
N GLU A 225 16.49 -22.30 -1.16
CA GLU A 225 17.76 -22.94 -1.47
C GLU A 225 18.91 -22.33 -0.67
N ARG A 226 18.99 -20.99 -0.67
CA ARG A 226 20.08 -20.30 0.03
C ARG A 226 20.09 -20.66 1.52
N SER A 227 18.91 -20.75 2.14
CA SER A 227 18.83 -21.13 3.55
C SER A 227 19.36 -22.52 3.82
N GLN A 228 19.37 -23.39 2.82
CA GLN A 228 19.95 -24.73 2.90
C GLN A 228 21.43 -24.73 2.56
N GLY A 229 21.99 -23.58 2.19
CA GLY A 229 23.33 -23.59 1.65
C GLY A 229 23.42 -23.93 0.18
N ILE A 230 22.28 -24.04 -0.51
CA ILE A 230 22.26 -24.48 -1.90
C ILE A 230 22.42 -23.27 -2.80
N ASP A 231 23.42 -23.32 -3.67
CA ASP A 231 23.63 -22.23 -4.62
C ASP A 231 24.49 -22.84 -5.73
N GLU A 232 23.83 -23.33 -6.76
CA GLU A 232 24.51 -24.00 -7.85
C GLU A 232 24.95 -23.05 -8.96
N ARG A 233 24.73 -21.76 -8.81
CA ARG A 233 25.15 -20.82 -9.84
C ARG A 233 26.64 -20.96 -10.13
N ASP A 234 26.97 -21.18 -11.39
CA ASP A 234 28.36 -21.33 -11.79
C ASP A 234 29.03 -19.96 -11.93
N VAL A 235 30.34 -19.93 -11.69
CA VAL A 235 31.15 -18.75 -11.97
C VAL A 235 31.19 -18.57 -13.49
N ASN A 236 30.68 -17.45 -13.97
CA ASN A 236 30.51 -17.23 -15.41
C ASN A 236 31.42 -16.09 -15.83
N SER A 237 32.40 -16.39 -16.68
CA SER A 237 33.35 -15.40 -17.13
C SER A 237 32.96 -14.79 -18.47
N GLU A 238 31.71 -14.96 -18.90
CA GLU A 238 31.30 -14.55 -20.25
C GLU A 238 30.20 -13.49 -20.25
N ARG A 239 29.88 -12.89 -19.11
CA ARG A 239 28.83 -11.89 -19.09
C ARG A 239 29.26 -10.63 -19.84
N LEU A 240 28.26 -9.92 -20.39
CA LEU A 240 28.46 -8.72 -21.18
C LEU A 240 27.38 -7.70 -20.84
N ARG A 241 27.77 -6.44 -20.85
CA ARG A 241 26.85 -5.33 -20.59
C ARG A 241 25.72 -5.32 -21.60
N LYS A 242 24.51 -5.00 -21.12
CA LYS A 242 23.29 -5.00 -21.92
C LYS A 242 22.69 -3.63 -22.15
N SER A 243 23.10 -2.60 -21.40
CA SER A 243 22.50 -1.29 -21.52
C SER A 243 23.57 -0.25 -21.22
N VAL A 244 23.32 0.98 -21.62
CA VAL A 244 24.13 2.08 -21.12
C VAL A 244 23.22 3.28 -20.91
N GLY A 245 23.41 3.96 -19.79
CA GLY A 245 22.55 5.05 -19.42
C GLY A 245 23.37 6.23 -18.93
N VAL A 246 22.80 7.41 -19.11
CA VAL A 246 23.42 8.66 -18.70
C VAL A 246 22.31 9.49 -18.10
N GLU A 247 22.47 9.90 -16.85
CA GLU A 247 21.38 10.64 -16.22
C GLU A 247 22.00 11.60 -15.24
N ARG A 248 21.25 12.66 -14.94
CA ARG A 248 21.73 13.68 -14.03
C ARG A 248 20.59 14.20 -13.18
N THR A 249 20.89 14.42 -11.91
CA THR A 249 19.98 15.09 -11.00
C THR A 249 20.37 16.56 -10.91
N MET A 250 19.39 17.44 -11.09
CA MET A 250 19.65 18.87 -11.06
C MET A 250 19.79 19.38 -9.62
N ALA A 251 20.60 20.44 -9.45
CA ALA A 251 20.73 21.04 -8.13
C ALA A 251 19.44 21.70 -7.70
N GLU A 252 18.63 22.16 -8.65
CA GLU A 252 17.29 22.65 -8.39
C GLU A 252 16.33 21.95 -9.33
N ASP A 253 15.11 21.70 -8.86
CA ASP A 253 14.08 21.16 -9.74
C ASP A 253 13.88 22.09 -10.93
N ILE A 254 13.61 21.51 -12.10
CA ILE A 254 13.29 22.29 -13.27
C ILE A 254 11.79 22.24 -13.48
N HIS A 255 11.24 23.32 -14.04
CA HIS A 255 9.80 23.44 -14.23
C HIS A 255 9.42 23.79 -15.66
N HIS A 256 10.39 24.02 -16.55
CA HIS A 256 10.12 24.44 -17.92
C HIS A 256 10.77 23.47 -18.89
N TRP A 257 10.04 23.15 -19.95
CA TRP A 257 10.55 22.23 -20.96
C TRP A 257 11.88 22.71 -21.54
N SER A 258 12.04 24.02 -21.74
CA SER A 258 13.30 24.54 -22.25
C SER A 258 14.47 24.12 -21.36
N GLU A 259 14.26 24.13 -20.03
CA GLU A 259 15.31 23.67 -19.15
C GLU A 259 15.57 22.18 -19.34
N CYS A 260 14.53 21.41 -19.63
CA CYS A 260 14.70 19.97 -19.83
C CYS A 260 15.48 19.70 -21.11
N GLU A 261 15.07 20.32 -22.20
CA GLU A 261 15.79 20.17 -23.46
C GLU A 261 17.26 20.55 -23.30
N ALA A 262 17.52 21.68 -22.61
CA ALA A 262 18.89 22.08 -22.34
C ALA A 262 19.68 20.96 -21.70
N ILE A 263 19.10 20.31 -20.67
CA ILE A 263 19.77 19.19 -20.01
C ILE A 263 20.08 18.07 -20.99
N ILE A 264 19.07 17.65 -21.76
CA ILE A 264 19.28 16.56 -22.71
C ILE A 264 20.41 16.89 -23.68
N GLU A 265 20.43 18.13 -24.19
CA GLU A 265 21.51 18.54 -25.07
C GLU A 265 22.87 18.30 -24.45
N ARG A 266 23.00 18.41 -23.11
CA ARG A 266 24.27 18.10 -22.48
C ARG A 266 24.46 16.61 -22.28
N LEU A 267 23.38 15.88 -21.97
CA LEU A 267 23.52 14.45 -21.71
C LEU A 267 23.91 13.71 -22.99
N TYR A 268 23.29 14.06 -24.12
CA TYR A 268 23.41 13.24 -25.32
C TYR A 268 24.85 13.01 -25.76
N PRO A 269 25.73 14.04 -25.84
CA PRO A 269 27.13 13.76 -26.21
C PRO A 269 27.79 12.72 -25.32
N GLU A 270 27.51 12.77 -24.00
CA GLU A 270 28.10 11.78 -23.11
C GLU A 270 27.62 10.38 -23.45
N LEU A 271 26.32 10.23 -23.72
CA LEU A 271 25.80 8.92 -24.07
C LEU A 271 26.38 8.43 -25.40
N GLU A 272 26.54 9.34 -26.37
CA GLU A 272 27.12 8.94 -27.66
C GLU A 272 28.56 8.47 -27.49
N ARG A 273 29.33 9.17 -26.66
CA ARG A 273 30.74 8.83 -26.46
C ARG A 273 30.88 7.46 -25.79
N ARG A 274 30.09 7.20 -24.75
CA ARG A 274 30.17 5.91 -24.08
C ARG A 274 29.67 4.77 -24.98
N LEU A 275 28.60 5.01 -25.73
CA LEU A 275 28.12 3.97 -26.64
C LEU A 275 29.18 3.64 -27.66
N ALA A 276 29.82 4.67 -28.23
CA ALA A 276 30.77 4.48 -29.32
C ALA A 276 32.00 3.72 -28.85
N LYS A 277 32.34 3.79 -27.56
CA LYS A 277 33.46 2.99 -27.06
C LYS A 277 33.19 1.50 -27.23
N VAL A 278 31.93 1.10 -27.21
CA VAL A 278 31.56 -0.31 -27.30
C VAL A 278 30.84 -0.66 -28.61
N LYS A 279 30.21 0.30 -29.27
CA LYS A 279 29.53 0.08 -30.54
C LYS A 279 29.82 1.28 -31.42
N PRO A 280 30.95 1.27 -32.15
CA PRO A 280 31.32 2.44 -32.96
C PRO A 280 30.26 2.90 -33.95
N ASP A 281 29.50 2.00 -34.56
CA ASP A 281 28.49 2.43 -35.51
C ASP A 281 27.23 2.93 -34.83
N LEU A 282 27.19 2.94 -33.50
CA LEU A 282 26.07 3.42 -32.70
C LEU A 282 24.81 2.61 -32.91
N LEU A 283 24.92 1.38 -33.42
CA LEU A 283 23.74 0.54 -33.64
C LEU A 283 23.29 -0.09 -32.33
N ILE A 284 21.99 -0.03 -32.05
CA ILE A 284 21.41 -0.37 -30.75
C ILE A 284 20.08 -1.05 -30.97
N ALA A 285 19.52 -1.60 -29.89
CA ALA A 285 18.20 -2.23 -29.93
C ALA A 285 17.06 -1.29 -29.58
N ARG A 286 17.22 -0.48 -28.52
CA ARG A 286 16.20 0.41 -28.03
C ARG A 286 16.88 1.67 -27.50
N GLN A 287 16.15 2.79 -27.49
CA GLN A 287 16.62 3.96 -26.79
C GLN A 287 15.45 4.62 -26.08
N GLY A 288 15.75 5.37 -25.04
CA GLY A 288 14.66 5.94 -24.27
C GLY A 288 15.13 6.96 -23.25
N VAL A 289 14.15 7.44 -22.49
CA VAL A 289 14.35 8.55 -21.57
C VAL A 289 13.82 8.16 -20.19
N LYS A 290 14.21 8.97 -19.22
CA LYS A 290 13.87 8.80 -17.81
C LYS A 290 13.62 10.17 -17.22
N LEU A 291 12.50 10.34 -16.53
CA LEU A 291 12.25 11.53 -15.73
C LEU A 291 12.03 11.08 -14.30
N LYS A 292 12.54 11.85 -13.34
CA LYS A 292 12.18 11.64 -11.94
C LYS A 292 11.64 12.96 -11.41
N PHE A 293 10.45 12.90 -10.82
CA PHE A 293 9.75 14.08 -10.34
C PHE A 293 10.12 14.40 -8.90
N ASP A 294 9.66 15.57 -8.43
CA ASP A 294 10.02 16.07 -7.11
C ASP A 294 9.44 15.21 -5.98
N ASP A 295 8.35 14.48 -6.23
CA ASP A 295 7.80 13.51 -5.31
C ASP A 295 8.49 12.15 -5.42
N PHE A 296 9.58 12.07 -6.17
CA PHE A 296 10.45 10.91 -6.35
C PHE A 296 9.86 9.78 -7.17
N GLN A 297 8.63 9.90 -7.64
CA GLN A 297 8.17 8.96 -8.65
C GLN A 297 9.01 9.12 -9.91
N GLN A 298 9.20 8.02 -10.63
CA GLN A 298 10.10 7.96 -11.76
C GLN A 298 9.40 7.22 -12.88
N THR A 299 9.63 7.66 -14.11
CA THR A 299 9.03 7.03 -15.27
C THR A 299 10.10 6.90 -16.34
N THR A 300 10.00 5.83 -17.13
CA THR A 300 10.86 5.62 -18.29
C THR A 300 9.98 5.36 -19.50
N GLN A 301 10.36 5.89 -20.66
CA GLN A 301 9.81 5.35 -21.90
C GLN A 301 10.91 5.15 -22.91
N GLU A 302 10.96 3.92 -23.40
CA GLU A 302 11.94 3.46 -24.34
C GLU A 302 11.19 2.70 -25.43
N HIS A 303 11.84 2.57 -26.59
CA HIS A 303 11.20 1.88 -27.69
C HIS A 303 12.28 1.30 -28.59
N VAL A 304 11.88 0.30 -29.39
CA VAL A 304 12.74 -0.19 -30.45
C VAL A 304 13.22 0.98 -31.30
N TRP A 305 14.53 1.02 -31.57
CA TRP A 305 15.10 2.10 -32.35
C TRP A 305 16.47 1.61 -32.80
N PRO A 306 16.85 1.80 -34.04
CA PRO A 306 18.03 1.10 -34.57
C PRO A 306 19.38 1.76 -34.31
N ARG A 307 19.41 3.07 -34.07
CA ARG A 307 20.67 3.79 -34.00
C ARG A 307 20.49 5.04 -33.15
N LEU A 308 21.42 5.26 -32.23
CA LEU A 308 21.31 6.38 -31.31
C LEU A 308 20.97 7.67 -32.06
N ASN A 309 19.93 8.37 -31.58
CA ASN A 309 19.40 9.55 -32.28
C ASN A 309 18.94 10.59 -31.28
N LYS A 310 19.57 11.77 -31.31
CA LYS A 310 19.33 12.79 -30.30
C LYS A 310 17.93 13.38 -30.41
N ALA A 311 17.44 13.62 -31.63
CA ALA A 311 16.14 14.28 -31.77
C ALA A 311 14.99 13.39 -31.31
N ASP A 312 15.08 12.09 -31.58
CA ASP A 312 14.04 11.18 -31.10
C ASP A 312 14.02 11.13 -29.57
N LEU A 313 15.18 11.19 -28.93
CA LEU A 313 15.22 11.22 -27.47
C LEU A 313 14.58 12.51 -26.94
N ILE A 314 14.89 13.64 -27.57
CA ILE A 314 14.24 14.91 -27.25
C ILE A 314 12.72 14.80 -27.42
N ALA A 315 12.28 14.30 -28.57
CA ALA A 315 10.85 14.16 -28.84
C ALA A 315 10.19 13.26 -27.80
N THR A 316 10.84 12.17 -27.42
CA THR A 316 10.27 11.26 -26.44
C THR A 316 10.21 11.91 -25.07
N ALA A 317 11.30 12.56 -24.65
CA ALA A 317 11.28 13.37 -23.44
C ALA A 317 10.13 14.39 -23.44
N ARG A 318 9.88 15.01 -24.58
CA ARG A 318 8.81 16.00 -24.67
C ARG A 318 7.46 15.36 -24.40
N LYS A 319 7.21 14.17 -24.98
CA LYS A 319 5.95 13.47 -24.72
C LYS A 319 5.80 13.16 -23.25
N THR A 320 6.83 12.54 -22.65
CA THR A 320 6.79 12.23 -21.22
C THR A 320 6.61 13.48 -20.39
N TRP A 321 7.28 14.57 -20.78
CA TRP A 321 7.14 15.84 -20.07
C TRP A 321 5.70 16.34 -20.15
N ASP A 322 5.15 16.40 -21.36
CA ASP A 322 3.76 16.81 -21.49
C ASP A 322 2.82 15.84 -20.79
N GLU A 323 2.97 14.54 -21.07
CA GLU A 323 1.99 13.55 -20.63
C GLU A 323 2.14 13.18 -19.16
N ARG A 324 2.75 12.03 -18.86
CA ARG A 324 2.83 11.61 -17.47
C ARG A 324 3.77 12.54 -16.70
N ARG A 325 3.22 13.62 -16.12
CA ARG A 325 4.04 14.56 -15.36
C ARG A 325 3.24 15.42 -14.39
N GLY A 326 2.45 16.36 -14.90
CA GLY A 326 1.48 17.07 -14.08
C GLY A 326 1.99 18.17 -13.17
N GLY A 327 2.68 19.15 -13.72
CA GLY A 327 3.05 20.34 -12.97
C GLY A 327 4.05 20.18 -11.84
N ARG A 328 4.55 18.96 -11.57
CA ARG A 328 5.58 18.77 -10.56
C ARG A 328 6.92 19.30 -11.04
N GLY A 329 7.82 19.60 -10.09
CA GLY A 329 9.21 19.78 -10.45
C GLY A 329 9.84 18.48 -10.94
N VAL A 330 10.87 18.62 -11.77
CA VAL A 330 11.64 17.47 -12.22
C VAL A 330 13.03 17.58 -11.62
N ARG A 331 13.50 16.50 -10.98
CA ARG A 331 14.83 16.53 -10.39
C ARG A 331 15.86 15.79 -11.23
N LEU A 332 15.44 14.85 -12.07
CA LEU A 332 16.41 14.06 -12.83
C LEU A 332 15.95 13.90 -14.27
N VAL A 333 16.90 14.00 -15.20
CA VAL A 333 16.68 13.63 -16.60
C VAL A 333 17.72 12.59 -16.97
N GLY A 334 17.29 11.54 -17.65
CA GLY A 334 18.20 10.51 -18.08
C GLY A 334 17.91 10.06 -19.49
N LEU A 335 18.95 9.57 -20.14
CA LEU A 335 18.89 8.93 -21.44
C LEU A 335 19.32 7.48 -21.28
N HIS A 336 18.83 6.62 -22.16
CA HIS A 336 19.07 5.20 -22.01
C HIS A 336 19.07 4.53 -23.37
N VAL A 337 19.83 3.44 -23.45
CA VAL A 337 20.00 2.66 -24.66
C VAL A 337 20.06 1.20 -24.23
N THR A 338 19.34 0.33 -24.95
CA THR A 338 19.48 -1.11 -24.79
C THR A 338 20.32 -1.63 -25.94
N LEU A 339 21.37 -2.39 -25.62
CA LEU A 339 22.31 -2.83 -26.65
C LEU A 339 21.74 -4.05 -27.39
N LEU A 340 22.10 -4.16 -28.69
CA LEU A 340 21.77 -5.36 -29.46
C LEU A 340 22.25 -6.60 -28.73
N ASP A 341 21.43 -7.66 -28.79
CA ASP A 341 21.83 -8.93 -28.19
C ASP A 341 23.14 -9.39 -28.83
N PRO A 342 23.96 -10.16 -28.10
CA PRO A 342 25.30 -10.48 -28.62
C PRO A 342 25.30 -11.44 -29.81
N GLY B 1 -56.69 -5.89 2.46
CA GLY B 1 -55.94 -5.17 1.43
C GLY B 1 -54.63 -4.57 1.91
N SER B 2 -54.67 -3.93 3.08
CA SER B 2 -53.47 -3.33 3.63
C SER B 2 -52.53 -4.40 4.19
N ARG B 3 -51.23 -4.14 4.06
CA ARG B 3 -50.19 -4.99 4.61
C ARG B 3 -49.95 -4.64 6.08
N LYS B 4 -49.16 -5.49 6.75
CA LYS B 4 -48.68 -5.23 8.09
C LYS B 4 -47.16 -5.33 8.13
N ILE B 5 -46.49 -4.18 8.24
CA ILE B 5 -45.03 -4.10 8.19
C ILE B 5 -44.51 -3.75 9.58
N ILE B 6 -43.49 -4.46 10.02
CA ILE B 6 -42.76 -4.14 11.24
C ILE B 6 -41.34 -3.77 10.86
N HIS B 7 -40.86 -2.65 11.39
CA HIS B 7 -39.46 -2.29 11.37
C HIS B 7 -38.90 -2.45 12.79
N VAL B 8 -37.88 -3.29 12.95
CA VAL B 8 -37.23 -3.51 14.25
C VAL B 8 -35.85 -2.89 14.19
N ASP B 9 -35.51 -2.09 15.20
CA ASP B 9 -34.26 -1.34 15.22
C ASP B 9 -33.65 -1.44 16.62
N MET B 10 -32.40 -1.90 16.72
CA MET B 10 -31.77 -2.01 18.03
C MET B 10 -31.40 -0.63 18.58
N ASP B 11 -31.52 -0.45 19.89
CA ASP B 11 -31.18 0.84 20.49
C ASP B 11 -29.68 0.97 20.67
N CYS B 12 -29.12 2.08 20.18
CA CYS B 12 -27.69 2.43 20.38
C CYS B 12 -26.79 1.22 20.21
N PHE B 13 -26.95 0.54 19.07
CA PHE B 13 -26.54 -0.86 18.94
C PHE B 13 -25.11 -1.11 19.41
N PHE B 14 -24.10 -0.42 18.85
CA PHE B 14 -22.71 -0.72 19.22
C PHE B 14 -22.43 -0.43 20.68
N ALA B 15 -23.03 0.65 21.21
CA ALA B 15 -22.77 1.01 22.61
C ALA B 15 -23.52 0.11 23.57
N ALA B 16 -24.70 -0.39 23.17
CA ALA B 16 -25.46 -1.31 24.00
C ALA B 16 -24.70 -2.62 24.18
N VAL B 17 -24.21 -3.18 23.08
CA VAL B 17 -23.37 -4.38 23.16
C VAL B 17 -22.25 -4.15 24.17
N GLU B 18 -21.54 -3.02 24.02
CA GLU B 18 -20.40 -2.73 24.89
C GLU B 18 -20.84 -2.53 26.33
N MET B 19 -21.94 -1.81 26.55
CA MET B 19 -22.41 -1.62 27.92
C MET B 19 -22.83 -2.94 28.55
N ARG B 20 -23.52 -3.80 27.79
CA ARG B 20 -23.89 -5.11 28.31
C ARG B 20 -22.66 -5.89 28.76
N ASP B 21 -21.62 -5.91 27.92
CA ASP B 21 -20.42 -6.71 28.19
C ASP B 21 -19.51 -6.06 29.22
N ASN B 22 -19.55 -4.75 29.39
CA ASN B 22 -18.81 -4.07 30.45
C ASN B 22 -19.76 -3.14 31.21
N PRO B 23 -20.37 -3.62 32.30
CA PRO B 23 -21.32 -2.79 33.05
C PRO B 23 -20.71 -1.52 33.64
N ALA B 24 -19.39 -1.44 33.80
CA ALA B 24 -18.78 -0.20 34.27
C ALA B 24 -19.01 0.97 33.32
N LEU B 25 -19.49 0.73 32.10
CA LEU B 25 -19.76 1.76 31.10
C LEU B 25 -21.21 2.24 31.08
N ARG B 26 -22.07 1.70 31.94
CA ARG B 26 -23.51 1.92 31.82
C ARG B 26 -23.88 3.39 32.02
N ASP B 27 -23.29 4.04 33.01
CA ASP B 27 -23.75 5.35 33.43
C ASP B 27 -22.84 6.48 32.99
N ILE B 28 -21.82 6.20 32.20
CA ILE B 28 -20.84 7.22 31.82
C ILE B 28 -20.93 7.45 30.31
N PRO B 29 -20.57 8.63 29.81
CA PRO B 29 -20.66 8.86 28.36
C PRO B 29 -19.61 8.05 27.61
N ILE B 30 -20.08 7.19 26.70
CA ILE B 30 -19.17 6.41 25.88
C ILE B 30 -19.58 6.58 24.42
N ALA B 31 -18.64 6.29 23.54
CA ALA B 31 -18.91 6.20 22.12
C ALA B 31 -17.94 5.24 21.48
N ILE B 32 -18.37 4.65 20.37
CA ILE B 32 -17.53 3.85 19.51
C ILE B 32 -17.09 4.75 18.35
N GLY B 33 -15.78 4.90 18.17
CA GLY B 33 -15.29 5.67 17.05
C GLY B 33 -13.78 5.74 17.11
N GLY B 34 -13.21 6.23 16.01
CA GLY B 34 -11.77 6.39 15.93
C GLY B 34 -11.30 7.66 16.63
N SER B 35 -10.08 7.60 17.15
CA SER B 35 -9.52 8.71 17.90
C SER B 35 -9.33 9.94 17.02
N ARG B 36 -9.13 11.08 17.68
CA ARG B 36 -8.88 12.31 16.95
C ARG B 36 -7.58 12.20 16.15
N GLU B 37 -6.55 11.62 16.77
CA GLU B 37 -5.26 11.50 16.11
C GLU B 37 -5.37 10.65 14.85
N ARG B 38 -6.32 9.72 14.81
CA ARG B 38 -6.56 8.94 13.61
C ARG B 38 -7.60 9.59 12.69
N ARG B 39 -7.92 10.87 12.93
CA ARG B 39 -8.88 11.60 12.11
C ARG B 39 -10.21 10.83 12.03
N GLY B 40 -10.67 10.32 13.20
CA GLY B 40 -11.88 9.51 13.27
C GLY B 40 -13.18 10.30 13.45
N VAL B 41 -14.29 9.57 13.31
CA VAL B 41 -15.63 10.07 13.62
C VAL B 41 -16.27 9.10 14.61
N ILE B 42 -17.44 9.51 15.11
CA ILE B 42 -18.19 8.72 16.08
C ILE B 42 -19.12 7.79 15.31
N SER B 43 -19.04 6.48 15.60
CA SER B 43 -19.99 5.53 15.01
C SER B 43 -21.34 5.62 15.69
N THR B 44 -21.34 5.52 17.01
CA THR B 44 -22.56 5.77 17.76
C THR B 44 -22.16 6.11 19.20
N ALA B 45 -23.14 6.47 20.00
CA ALA B 45 -22.88 6.89 21.36
C ALA B 45 -24.05 6.50 22.24
N ASN B 46 -23.79 6.29 23.52
CA ASN B 46 -24.86 5.95 24.44
C ASN B 46 -25.59 7.22 24.86
N TYR B 47 -26.67 7.05 25.64
CA TYR B 47 -27.51 8.19 25.97
C TYR B 47 -26.81 9.20 26.85
N PRO B 48 -25.98 8.78 27.83
CA PRO B 48 -25.18 9.78 28.56
C PRO B 48 -24.31 10.64 27.65
N ALA B 49 -23.67 10.05 26.64
CA ALA B 49 -22.91 10.86 25.71
C ALA B 49 -23.82 11.72 24.85
N ARG B 50 -24.99 11.18 24.47
CA ARG B 50 -25.90 11.90 23.59
C ARG B 50 -26.45 13.18 24.22
N LYS B 51 -26.62 13.21 25.54
CA LYS B 51 -27.18 14.43 26.10
C LYS B 51 -26.21 15.60 26.00
N PHE B 52 -24.91 15.33 25.82
CA PHE B 52 -23.91 16.37 25.55
C PHE B 52 -23.91 16.83 24.10
N GLY B 53 -24.67 16.18 23.24
CA GLY B 53 -24.73 16.51 21.83
C GLY B 53 -23.99 15.54 20.95
N VAL B 54 -23.37 14.50 21.51
CA VAL B 54 -22.57 13.58 20.70
C VAL B 54 -23.50 12.79 19.79
N ARG B 55 -23.12 12.67 18.52
CA ARG B 55 -23.97 12.07 17.50
C ARG B 55 -23.14 11.19 16.56
N SER B 56 -23.79 10.17 16.00
CA SER B 56 -23.16 9.42 14.92
C SER B 56 -22.69 10.37 13.81
N ALA B 57 -21.50 10.09 13.28
CA ALA B 57 -20.87 10.78 12.14
C ALA B 57 -20.21 12.07 12.59
N MET B 58 -20.31 12.43 13.86
CA MET B 58 -19.64 13.62 14.34
C MET B 58 -18.13 13.37 14.40
N PRO B 59 -17.31 14.31 13.93
CA PRO B 59 -15.87 14.16 14.10
C PRO B 59 -15.53 13.99 15.56
N THR B 60 -14.60 13.08 15.84
CA THR B 60 -14.30 12.74 17.23
C THR B 60 -13.72 13.94 17.97
N GLY B 61 -13.08 14.86 17.25
CA GLY B 61 -12.60 16.08 17.88
C GLY B 61 -13.73 16.99 18.35
N MET B 62 -14.82 17.04 17.59
CA MET B 62 -15.99 17.79 18.08
C MET B 62 -16.66 17.05 19.22
N ALA B 63 -16.74 15.72 19.14
CA ALA B 63 -17.31 14.92 20.22
C ALA B 63 -16.63 15.22 21.56
N LEU B 64 -15.30 15.33 21.54
CA LEU B 64 -14.55 15.54 22.77
C LEU B 64 -14.72 16.95 23.30
N LYS B 65 -14.90 17.94 22.42
CA LYS B 65 -15.15 19.29 22.89
C LYS B 65 -16.56 19.43 23.43
N LEU B 66 -17.51 18.63 22.94
CA LEU B 66 -18.84 18.69 23.54
C LEU B 66 -18.91 17.92 24.84
N CYS B 67 -18.07 16.89 24.99
CA CYS B 67 -18.20 15.92 26.09
C CYS B 67 -16.80 15.48 26.48
N PRO B 68 -16.09 16.29 27.28
CA PRO B 68 -14.67 16.02 27.56
C PRO B 68 -14.42 14.70 28.25
N HIS B 69 -15.38 14.21 29.04
CA HIS B 69 -15.23 12.95 29.77
C HIS B 69 -15.63 11.75 28.94
N LEU B 70 -15.82 11.95 27.62
CA LEU B 70 -16.23 10.87 26.73
C LEU B 70 -15.22 9.74 26.75
N THR B 71 -15.70 8.53 27.00
CA THR B 71 -14.89 7.34 26.87
C THR B 71 -15.04 6.83 25.43
N LEU B 72 -13.92 6.65 24.76
CA LEU B 72 -13.90 6.31 23.34
C LEU B 72 -13.55 4.84 23.18
N LEU B 73 -14.40 4.08 22.49
CA LEU B 73 -14.17 2.65 22.32
C LEU B 73 -13.86 2.32 20.86
N PRO B 74 -12.97 1.34 20.61
CA PRO B 74 -12.61 1.03 19.22
C PRO B 74 -13.64 0.19 18.48
N GLY B 75 -14.52 -0.52 19.18
CA GLY B 75 -15.52 -1.32 18.51
C GLY B 75 -15.05 -2.74 18.27
N ARG B 76 -15.92 -3.71 18.56
CA ARG B 76 -15.63 -5.13 18.41
C ARG B 76 -16.62 -5.68 17.38
N PHE B 77 -16.21 -5.69 16.10
CA PHE B 77 -17.15 -6.04 15.05
C PHE B 77 -17.71 -7.45 15.23
N ASP B 78 -16.87 -8.42 15.63
CA ASP B 78 -17.37 -9.78 15.78
C ASP B 78 -18.43 -9.88 16.88
N ALA B 79 -18.36 -9.03 17.89
CA ALA B 79 -19.44 -9.00 18.89
C ALA B 79 -20.73 -8.45 18.28
N TYR B 80 -20.63 -7.45 17.40
CA TYR B 80 -21.83 -6.87 16.82
C TYR B 80 -22.45 -7.82 15.79
N LYS B 81 -21.61 -8.56 15.06
CA LYS B 81 -22.14 -9.52 14.10
C LYS B 81 -22.82 -10.68 14.82
N GLU B 82 -22.26 -11.13 15.94
CA GLU B 82 -22.91 -12.17 16.73
C GLU B 82 -24.34 -11.79 17.11
N ALA B 83 -24.53 -10.59 17.68
CA ALA B 83 -25.86 -10.15 18.06
C ALA B 83 -26.77 -9.98 16.86
N SER B 84 -26.21 -9.51 15.73
CA SER B 84 -26.99 -9.31 14.52
C SER B 84 -27.53 -10.63 13.98
N ASN B 85 -26.68 -11.68 13.92
CA ASN B 85 -27.17 -12.99 13.49
C ASN B 85 -28.25 -13.51 14.43
N HIS B 86 -28.08 -13.26 15.74
CA HIS B 86 -29.03 -13.78 16.71
C HIS B 86 -30.40 -13.10 16.57
N ILE B 87 -30.42 -11.78 16.31
CA ILE B 87 -31.73 -11.13 16.20
C ILE B 87 -32.42 -11.54 14.90
N ARG B 88 -31.65 -11.81 13.84
CA ARG B 88 -32.29 -12.23 12.59
C ARG B 88 -32.81 -13.66 12.71
N GLU B 89 -32.14 -14.50 13.52
CA GLU B 89 -32.68 -15.84 13.80
C GLU B 89 -33.96 -15.73 14.61
N ILE B 90 -34.03 -14.77 15.54
CA ILE B 90 -35.27 -14.52 16.27
C ILE B 90 -36.38 -14.12 15.30
N PHE B 91 -36.09 -13.17 14.40
CA PHE B 91 -37.05 -12.76 13.38
C PHE B 91 -37.57 -13.96 12.61
N SER B 92 -36.68 -14.90 12.29
CA SER B 92 -37.05 -16.03 11.45
C SER B 92 -38.04 -16.94 12.14
N ARG B 93 -38.14 -16.88 13.48
CA ARG B 93 -39.17 -17.64 14.17
C ARG B 93 -40.57 -17.12 13.87
N TYR B 94 -40.69 -15.85 13.48
CA TYR B 94 -42.01 -15.24 13.28
C TYR B 94 -42.42 -15.19 11.81
N THR B 95 -41.47 -15.05 10.90
CA THR B 95 -41.78 -15.00 9.47
C THR B 95 -40.50 -15.25 8.69
N SER B 96 -40.66 -15.62 7.43
CA SER B 96 -39.54 -15.65 6.50
C SER B 96 -39.45 -14.40 5.65
N ARG B 97 -40.46 -13.52 5.70
CA ARG B 97 -40.46 -12.25 4.97
C ARG B 97 -39.65 -11.24 5.77
N ILE B 98 -38.32 -11.39 5.69
CA ILE B 98 -37.37 -10.57 6.45
C ILE B 98 -36.46 -9.87 5.47
N GLU B 99 -36.37 -8.54 5.56
CA GLU B 99 -35.44 -7.78 4.75
C GLU B 99 -34.51 -7.00 5.68
N PRO B 100 -33.33 -7.53 6.00
CA PRO B 100 -32.38 -6.78 6.83
C PRO B 100 -31.95 -5.52 6.10
N LEU B 101 -31.79 -4.43 6.84
CA LEU B 101 -31.29 -3.19 6.27
C LEU B 101 -29.86 -2.86 6.68
N SER B 102 -29.38 -3.50 7.73
CA SER B 102 -28.06 -3.28 8.31
C SER B 102 -27.89 -4.36 9.35
N LEU B 103 -26.81 -4.29 10.14
CA LEU B 103 -26.65 -5.29 11.19
C LEU B 103 -27.81 -5.25 12.18
N ASP B 104 -28.34 -4.07 12.48
CA ASP B 104 -29.19 -3.90 13.66
C ASP B 104 -30.66 -3.66 13.33
N GLU B 105 -31.08 -3.81 12.07
CA GLU B 105 -32.47 -3.52 11.75
C GLU B 105 -32.94 -4.36 10.58
N ALA B 106 -34.26 -4.57 10.54
CA ALA B 106 -34.90 -5.32 9.48
C ALA B 106 -36.34 -4.87 9.36
N TYR B 107 -36.88 -4.93 8.13
CA TYR B 107 -38.32 -4.96 7.95
C TYR B 107 -38.80 -6.40 8.03
N LEU B 108 -39.99 -6.57 8.59
CA LEU B 108 -40.72 -7.83 8.60
C LEU B 108 -42.10 -7.60 7.99
N ASP B 109 -42.55 -8.54 7.14
CA ASP B 109 -43.90 -8.50 6.61
C ASP B 109 -44.66 -9.61 7.29
N VAL B 110 -45.58 -9.25 8.19
CA VAL B 110 -46.35 -10.23 8.94
C VAL B 110 -47.81 -10.14 8.52
N THR B 111 -48.05 -9.69 7.29
CA THR B 111 -49.41 -9.60 6.75
C THR B 111 -50.17 -10.92 6.93
N ASP B 112 -49.47 -12.04 6.73
CA ASP B 112 -50.14 -13.35 6.71
C ASP B 112 -49.77 -14.24 7.89
N SER B 113 -49.50 -13.65 9.04
CA SER B 113 -48.92 -14.38 10.17
C SER B 113 -49.97 -15.05 11.03
N VAL B 114 -49.68 -16.27 11.47
CA VAL B 114 -50.53 -16.98 12.42
C VAL B 114 -50.04 -16.82 13.86
N HIS B 115 -49.09 -15.93 14.11
CA HIS B 115 -48.65 -15.68 15.47
C HIS B 115 -49.49 -14.58 16.10
N CYS B 116 -49.67 -14.68 17.42
CA CYS B 116 -50.37 -13.66 18.22
C CYS B 116 -51.70 -13.26 17.58
N HIS B 117 -52.41 -14.26 17.04
CA HIS B 117 -53.70 -14.06 16.36
C HIS B 117 -53.62 -12.99 15.27
N GLY B 118 -52.46 -12.90 14.62
CA GLY B 118 -52.28 -11.96 13.54
C GLY B 118 -52.05 -10.54 13.98
N SER B 119 -51.75 -10.29 15.25
CA SER B 119 -51.54 -8.94 15.75
C SER B 119 -50.10 -8.51 15.50
N ALA B 120 -49.91 -7.51 14.64
CA ALA B 120 -48.56 -7.01 14.42
C ALA B 120 -48.04 -6.28 15.64
N THR B 121 -48.92 -5.63 16.40
CA THR B 121 -48.54 -5.04 17.68
C THR B 121 -47.95 -6.09 18.61
N LEU B 122 -48.68 -7.19 18.81
CA LEU B 122 -48.21 -8.19 19.76
C LEU B 122 -46.97 -8.89 19.25
N ILE B 123 -46.92 -9.19 17.94
CA ILE B 123 -45.72 -9.79 17.36
C ILE B 123 -44.52 -8.90 17.60
N ALA B 124 -44.66 -7.60 17.31
CA ALA B 124 -43.55 -6.68 17.55
C ALA B 124 -43.15 -6.66 19.02
N GLN B 125 -44.15 -6.74 19.92
CA GLN B 125 -43.84 -6.75 21.35
C GLN B 125 -43.10 -8.03 21.74
N GLU B 126 -43.52 -9.16 21.17
CA GLU B 126 -42.87 -10.43 21.49
C GLU B 126 -41.46 -10.48 20.95
N ILE B 127 -41.24 -9.90 19.77
CA ILE B 127 -39.90 -9.90 19.22
C ILE B 127 -38.97 -9.09 20.12
N ARG B 128 -39.41 -7.88 20.51
CA ARG B 128 -38.57 -7.05 21.38
C ARG B 128 -38.28 -7.75 22.70
N GLN B 129 -39.26 -8.44 23.28
CA GLN B 129 -39.03 -9.12 24.55
C GLN B 129 -38.07 -10.30 24.40
N THR B 130 -38.19 -11.04 23.29
CA THR B 130 -37.26 -12.14 23.05
C THR B 130 -35.83 -11.63 22.88
N ILE B 131 -35.65 -10.54 22.13
CA ILE B 131 -34.31 -9.97 21.96
C ILE B 131 -33.73 -9.60 23.32
N PHE B 132 -34.50 -8.90 24.15
CA PHE B 132 -34.04 -8.58 25.50
C PHE B 132 -33.68 -9.84 26.29
N ASN B 133 -34.59 -10.83 26.32
CA ASN B 133 -34.33 -12.00 27.17
C ASN B 133 -33.08 -12.77 26.74
N GLU B 134 -32.83 -12.88 25.43
CA GLU B 134 -31.77 -13.76 24.94
C GLU B 134 -30.47 -13.02 24.70
N LEU B 135 -30.52 -11.72 24.45
CA LEU B 135 -29.33 -10.94 24.17
C LEU B 135 -29.03 -9.89 25.22
N GLN B 136 -29.96 -9.59 26.12
CA GLN B 136 -29.82 -8.51 27.10
C GLN B 136 -29.56 -7.17 26.41
N LEU B 137 -30.26 -6.94 25.29
CA LEU B 137 -30.23 -5.67 24.58
C LEU B 137 -31.66 -5.30 24.24
N THR B 138 -31.94 -4.00 24.18
CA THR B 138 -33.29 -3.56 23.86
C THR B 138 -33.39 -3.11 22.41
N ALA B 139 -34.59 -3.31 21.86
CA ALA B 139 -34.93 -2.87 20.53
C ALA B 139 -36.18 -2.01 20.61
N SER B 140 -36.33 -1.17 19.59
CA SER B 140 -37.56 -0.44 19.35
C SER B 140 -38.18 -0.95 18.06
N ALA B 141 -39.47 -0.70 17.88
CA ALA B 141 -40.12 -1.21 16.69
C ALA B 141 -41.23 -0.27 16.26
N GLY B 142 -41.48 -0.24 14.96
CA GLY B 142 -42.59 0.48 14.40
C GLY B 142 -43.44 -0.46 13.58
N VAL B 143 -44.75 -0.17 13.55
CA VAL B 143 -45.74 -1.00 12.86
C VAL B 143 -46.58 -0.07 12.01
N ALA B 144 -46.74 -0.38 10.72
CA ALA B 144 -47.49 0.51 9.84
C ALA B 144 -47.91 -0.26 8.59
N PRO B 145 -48.80 0.31 7.75
CA PRO B 145 -49.21 -0.42 6.53
C PRO B 145 -48.15 -0.43 5.44
N VAL B 146 -47.12 0.41 5.51
CA VAL B 146 -46.10 0.50 4.47
C VAL B 146 -44.74 0.70 5.13
N LYS B 147 -43.68 0.48 4.33
CA LYS B 147 -42.31 0.44 4.84
C LYS B 147 -41.91 1.76 5.51
N PHE B 148 -42.02 2.89 4.79
CA PHE B 148 -41.39 4.11 5.31
C PHE B 148 -42.07 4.58 6.60
N LEU B 149 -43.36 4.33 6.76
CA LEU B 149 -44.03 4.68 8.00
C LEU B 149 -43.64 3.74 9.14
N ALA B 150 -43.46 2.45 8.84
CA ALA B 150 -42.99 1.54 9.88
C ALA B 150 -41.61 1.95 10.37
N LYS B 151 -40.76 2.43 9.44
CA LYS B 151 -39.42 2.86 9.83
C LYS B 151 -39.47 4.16 10.64
N ILE B 152 -40.30 5.11 10.22
CA ILE B 152 -40.51 6.31 11.02
C ILE B 152 -41.09 5.95 12.37
N ALA B 153 -42.07 5.04 12.38
CA ALA B 153 -42.73 4.73 13.65
C ALA B 153 -41.76 4.12 14.66
N SER B 154 -40.74 3.38 14.19
CA SER B 154 -39.85 2.75 15.17
C SER B 154 -38.99 3.78 15.91
N ASP B 155 -38.87 5.00 15.41
CA ASP B 155 -38.10 6.01 16.13
C ASP B 155 -38.92 6.81 17.13
N MET B 156 -40.24 6.65 17.16
CA MET B 156 -41.05 7.57 17.93
C MET B 156 -41.12 7.23 19.42
N ASN B 157 -41.01 5.96 19.79
CA ASN B 157 -40.97 5.55 21.19
C ASN B 157 -39.62 4.91 21.53
N LYS B 158 -38.56 5.32 20.86
CA LYS B 158 -37.22 4.83 21.13
C LYS B 158 -36.67 5.56 22.36
N PRO B 159 -35.90 4.87 23.23
CA PRO B 159 -35.53 3.45 23.20
C PRO B 159 -36.51 2.51 23.91
N ASN B 160 -36.39 1.23 23.60
CA ASN B 160 -37.14 0.17 24.24
C ASN B 160 -38.64 0.47 24.22
N GLY B 161 -39.14 0.80 23.03
CA GLY B 161 -40.55 1.10 22.88
C GLY B 161 -40.97 0.80 21.45
N GLN B 162 -42.26 0.93 21.21
CA GLN B 162 -42.74 0.73 19.85
C GLN B 162 -43.93 1.64 19.60
N PHE B 163 -44.25 1.80 18.32
CA PHE B 163 -45.34 2.68 17.92
C PHE B 163 -46.05 2.10 16.71
N VAL B 164 -47.37 2.22 16.70
CA VAL B 164 -48.22 1.60 15.69
C VAL B 164 -48.99 2.70 14.97
N ILE B 165 -49.04 2.60 13.64
CA ILE B 165 -49.81 3.50 12.81
C ILE B 165 -50.81 2.64 12.03
N THR B 166 -52.09 2.76 12.37
CA THR B 166 -53.11 2.04 11.62
C THR B 166 -53.44 2.80 10.34
N PRO B 167 -54.00 2.13 9.34
CA PRO B 167 -54.36 2.87 8.11
C PRO B 167 -55.29 4.05 8.37
N ALA B 168 -56.17 3.96 9.37
CA ALA B 168 -57.06 5.08 9.69
C ALA B 168 -56.29 6.30 10.19
N GLU B 169 -55.11 6.10 10.77
CA GLU B 169 -54.35 7.21 11.32
C GLU B 169 -53.39 7.84 10.33
N VAL B 170 -53.15 7.21 9.17
CA VAL B 170 -52.13 7.72 8.25
C VAL B 170 -52.39 9.17 7.82
N PRO B 171 -53.60 9.56 7.40
CA PRO B 171 -53.78 10.96 6.97
C PRO B 171 -53.40 11.98 8.04
N ALA B 172 -53.89 11.83 9.27
CA ALA B 172 -53.51 12.75 10.36
C ALA B 172 -52.01 12.73 10.60
N PHE B 173 -51.42 11.52 10.61
CA PHE B 173 -49.99 11.42 10.86
C PHE B 173 -49.19 12.15 9.79
N LEU B 174 -49.65 12.09 8.54
CA LEU B 174 -48.90 12.69 7.43
C LEU B 174 -48.95 14.22 7.44
N GLN B 175 -50.09 14.79 7.87
CA GLN B 175 -50.38 16.20 7.59
C GLN B 175 -49.26 17.11 8.07
N THR B 176 -48.67 16.78 9.22
CA THR B 176 -47.66 17.59 9.88
C THR B 176 -46.29 16.93 9.87
N LEU B 177 -46.15 15.79 9.21
CA LEU B 177 -44.89 15.06 9.20
C LEU B 177 -43.82 15.82 8.43
N PRO B 178 -42.71 16.20 9.05
CA PRO B 178 -41.65 16.91 8.31
C PRO B 178 -41.06 16.03 7.21
N LEU B 179 -40.93 16.59 6.00
CA LEU B 179 -40.39 15.81 4.89
C LEU B 179 -39.05 15.20 5.24
N ALA B 180 -38.23 15.90 6.03
CA ALA B 180 -36.93 15.42 6.46
C ALA B 180 -36.99 14.10 7.23
N LYS B 181 -38.14 13.76 7.83
CA LYS B 181 -38.28 12.46 8.48
C LYS B 181 -38.40 11.30 7.49
N ILE B 182 -38.73 11.57 6.23
CA ILE B 182 -38.85 10.51 5.24
C ILE B 182 -37.47 9.93 4.94
N PRO B 183 -37.26 8.63 5.13
CA PRO B 183 -35.97 8.04 4.75
C PRO B 183 -35.69 8.32 3.29
N GLY B 184 -34.46 8.76 3.01
CA GLY B 184 -34.08 9.17 1.67
C GLY B 184 -34.20 10.65 1.43
N VAL B 185 -34.82 11.40 2.34
CA VAL B 185 -34.85 12.86 2.26
C VAL B 185 -33.83 13.34 3.28
N GLY B 186 -32.64 13.66 2.80
CA GLY B 186 -31.56 14.11 3.65
C GLY B 186 -31.47 15.63 3.72
N LYS B 187 -30.30 16.11 4.14
CA LYS B 187 -30.12 17.53 4.40
C LYS B 187 -30.18 18.36 3.11
N VAL B 188 -29.58 17.87 2.02
CA VAL B 188 -29.59 18.65 0.79
C VAL B 188 -31.02 18.75 0.25
N SER B 189 -31.70 17.61 0.13
CA SER B 189 -33.09 17.61 -0.33
C SER B 189 -33.98 18.42 0.60
N ALA B 190 -33.86 18.20 1.91
CA ALA B 190 -34.74 18.92 2.83
C ALA B 190 -34.58 20.41 2.65
N ALA B 191 -33.34 20.87 2.48
CA ALA B 191 -33.11 22.31 2.31
C ALA B 191 -33.61 22.81 0.96
N LYS B 192 -33.46 22.00 -0.10
CA LYS B 192 -34.01 22.41 -1.39
C LYS B 192 -35.52 22.54 -1.31
N LEU B 193 -36.18 21.60 -0.64
CA LEU B 193 -37.63 21.66 -0.47
C LEU B 193 -38.05 22.87 0.37
N GLU B 194 -37.36 23.09 1.50
CA GLU B 194 -37.62 24.25 2.35
C GLU B 194 -37.48 25.55 1.57
N ALA B 195 -36.52 25.61 0.65
CA ALA B 195 -36.28 26.83 -0.12
C ALA B 195 -37.47 27.16 -1.00
N MET B 196 -38.28 26.15 -1.35
CA MET B 196 -39.48 26.41 -2.12
C MET B 196 -40.74 26.28 -1.26
N GLY B 197 -40.59 26.52 0.05
CA GLY B 197 -41.74 26.52 0.96
C GLY B 197 -42.34 25.16 1.26
N LEU B 198 -41.57 24.10 1.20
CA LEU B 198 -42.09 22.74 1.39
C LEU B 198 -41.40 22.15 2.61
N ARG B 199 -42.13 22.06 3.73
CA ARG B 199 -41.58 21.48 4.94
C ARG B 199 -42.24 20.17 5.35
N THR B 200 -43.52 20.00 5.10
CA THR B 200 -44.25 18.84 5.61
C THR B 200 -44.89 18.07 4.46
N CYS B 201 -45.26 16.81 4.76
CA CYS B 201 -46.02 16.06 3.76
C CYS B 201 -47.30 16.79 3.40
N GLY B 202 -47.90 17.48 4.37
CA GLY B 202 -49.07 18.30 4.07
C GLY B 202 -48.81 19.37 3.03
N ASP B 203 -47.61 19.96 3.06
CA ASP B 203 -47.24 20.93 2.02
C ASP B 203 -47.16 20.26 0.65
N VAL B 204 -46.55 19.08 0.57
CA VAL B 204 -46.31 18.44 -0.72
C VAL B 204 -47.62 17.96 -1.34
N GLN B 205 -48.57 17.52 -0.52
CA GLN B 205 -49.89 17.14 -1.03
C GLN B 205 -50.57 18.31 -1.74
N LYS B 206 -50.20 19.55 -1.43
CA LYS B 206 -50.89 20.69 -1.99
C LYS B 206 -50.32 21.13 -3.34
N CYS B 207 -49.34 20.43 -3.91
CA CYS B 207 -48.75 20.88 -5.16
C CYS B 207 -48.72 19.76 -6.19
N ASP B 208 -48.36 20.16 -7.41
CA ASP B 208 -48.55 19.38 -8.61
C ASP B 208 -47.44 18.35 -8.82
N LEU B 209 -47.83 17.11 -9.11
CA LEU B 209 -46.86 16.06 -9.41
C LEU B 209 -45.92 16.44 -10.56
N VAL B 210 -46.47 17.09 -11.60
CA VAL B 210 -45.65 17.48 -12.74
C VAL B 210 -44.55 18.45 -12.31
N MET B 211 -44.86 19.39 -11.41
CA MET B 211 -43.83 20.30 -10.94
C MET B 211 -42.75 19.54 -10.19
N LEU B 212 -43.16 18.57 -9.36
CA LEU B 212 -42.20 17.77 -8.58
C LEU B 212 -41.32 16.91 -9.49
N LEU B 213 -41.93 16.20 -10.45
CA LEU B 213 -41.14 15.53 -11.49
C LEU B 213 -40.18 16.48 -12.17
N LYS B 214 -40.66 17.68 -12.54
CA LYS B 214 -39.79 18.63 -13.25
C LYS B 214 -38.65 19.11 -12.35
N ARG B 215 -38.94 19.46 -11.10
CA ARG B 215 -37.90 20.00 -10.24
C ARG B 215 -37.01 18.94 -9.64
N PHE B 216 -37.49 17.69 -9.50
CA PHE B 216 -36.77 16.66 -8.77
C PHE B 216 -36.56 15.35 -9.52
N GLY B 217 -37.14 15.17 -10.70
CA GLY B 217 -37.02 13.87 -11.37
C GLY B 217 -37.75 12.78 -10.62
N LYS B 218 -37.19 11.57 -10.66
CA LYS B 218 -37.81 10.42 -9.97
C LYS B 218 -37.98 10.67 -8.49
N PHE B 219 -37.05 11.41 -7.86
CA PHE B 219 -37.24 11.75 -6.45
C PHE B 219 -38.55 12.50 -6.23
N GLY B 220 -38.95 13.32 -7.19
CA GLY B 220 -40.21 14.05 -7.05
C GLY B 220 -41.42 13.14 -7.06
N ARG B 221 -41.36 12.02 -7.77
CA ARG B 221 -42.48 11.08 -7.71
C ARG B 221 -42.51 10.38 -6.37
N ILE B 222 -41.36 9.92 -5.90
CA ILE B 222 -41.30 9.29 -4.59
C ILE B 222 -41.80 10.25 -3.53
N LEU B 223 -41.40 11.52 -3.60
CA LEU B 223 -41.85 12.52 -2.63
C LEU B 223 -43.37 12.71 -2.69
N TRP B 224 -43.93 12.80 -3.90
CA TRP B 224 -45.38 12.95 -4.04
C TRP B 224 -46.11 11.73 -3.48
N GLU B 225 -45.58 10.53 -3.71
CA GLU B 225 -46.24 9.31 -3.25
C GLU B 225 -46.22 9.22 -1.73
N ARG B 226 -45.03 9.29 -1.15
CA ARG B 226 -44.91 9.16 0.30
C ARG B 226 -45.64 10.26 1.06
N SER B 227 -45.72 11.47 0.50
CA SER B 227 -46.49 12.52 1.17
C SER B 227 -47.96 12.16 1.31
N GLN B 228 -48.42 11.15 0.60
CA GLN B 228 -49.77 10.63 0.73
C GLN B 228 -49.81 9.27 1.39
N GLY B 229 -48.70 8.76 1.89
CA GLY B 229 -48.71 7.43 2.46
C GLY B 229 -48.63 6.32 1.45
N ILE B 230 -48.32 6.62 0.19
CA ILE B 230 -48.13 5.59 -0.82
C ILE B 230 -46.68 5.12 -0.77
N ASP B 231 -46.51 3.80 -0.67
CA ASP B 231 -45.19 3.16 -0.63
C ASP B 231 -45.45 1.68 -0.92
N GLU B 232 -45.38 1.30 -2.20
CA GLU B 232 -45.68 -0.05 -2.65
C GLU B 232 -44.48 -0.98 -2.59
N ARG B 233 -43.34 -0.51 -2.10
CA ARG B 233 -42.17 -1.38 -2.00
C ARG B 233 -42.48 -2.61 -1.15
N ASP B 234 -42.23 -3.78 -1.74
CA ASP B 234 -42.43 -5.07 -1.08
C ASP B 234 -41.21 -5.41 -0.25
N VAL B 235 -41.45 -5.94 0.96
CA VAL B 235 -40.39 -6.52 1.76
C VAL B 235 -39.74 -7.66 0.99
N ASN B 236 -38.42 -7.59 0.85
CA ASN B 236 -37.64 -8.47 -0.03
C ASN B 236 -36.61 -9.24 0.78
N SER B 237 -36.83 -10.54 0.92
CA SER B 237 -35.92 -11.38 1.68
C SER B 237 -34.78 -11.93 0.82
N GLU B 238 -34.67 -11.52 -0.44
CA GLU B 238 -33.71 -12.13 -1.36
C GLU B 238 -32.63 -11.16 -1.83
N ARG B 239 -32.41 -10.04 -1.13
CA ARG B 239 -31.39 -9.09 -1.55
C ARG B 239 -29.99 -9.62 -1.25
N LEU B 240 -29.08 -9.42 -2.21
CA LEU B 240 -27.68 -9.78 -2.03
C LEU B 240 -26.80 -8.55 -2.23
N ARG B 241 -25.67 -8.52 -1.53
CA ARG B 241 -24.71 -7.44 -1.70
C ARG B 241 -24.23 -7.38 -3.15
N LYS B 242 -24.02 -6.16 -3.65
CA LYS B 242 -23.57 -5.94 -5.02
C LYS B 242 -22.14 -5.45 -5.14
N SER B 243 -21.49 -5.09 -4.03
CA SER B 243 -20.12 -4.59 -4.11
C SER B 243 -19.38 -4.94 -2.84
N VAL B 244 -18.06 -4.92 -2.92
CA VAL B 244 -17.17 -5.14 -1.78
C VAL B 244 -16.03 -4.15 -1.90
N GLY B 245 -15.76 -3.42 -0.83
CA GLY B 245 -14.70 -2.44 -0.82
C GLY B 245 -13.93 -2.49 0.48
N VAL B 246 -12.66 -2.09 0.40
CA VAL B 246 -11.84 -1.82 1.58
C VAL B 246 -11.15 -0.47 1.37
N GLU B 247 -11.10 0.35 2.42
CA GLU B 247 -10.47 1.67 2.33
C GLU B 247 -9.96 2.09 3.71
N ARG B 248 -8.92 2.92 3.70
CA ARG B 248 -8.34 3.44 4.93
C ARG B 248 -8.02 4.92 4.78
N THR B 249 -8.39 5.68 5.81
CA THR B 249 -7.97 7.06 5.96
C THR B 249 -6.71 7.07 6.83
N MET B 250 -5.65 7.70 6.33
CA MET B 250 -4.36 7.77 7.02
C MET B 250 -4.38 8.90 8.04
N ALA B 251 -3.53 8.76 9.07
CA ALA B 251 -3.45 9.84 10.04
C ALA B 251 -2.75 11.06 9.46
N GLU B 252 -1.89 10.87 8.45
CA GLU B 252 -1.23 11.95 7.73
C GLU B 252 -1.51 11.83 6.24
N ASP B 253 -1.72 12.96 5.57
CA ASP B 253 -1.86 12.93 4.12
C ASP B 253 -0.59 12.38 3.51
N ILE B 254 -0.73 11.63 2.40
CA ILE B 254 0.45 11.12 1.72
C ILE B 254 0.69 11.98 0.48
N HIS B 255 1.94 12.02 0.04
CA HIS B 255 2.35 12.87 -1.07
C HIS B 255 3.24 12.17 -2.07
N HIS B 256 3.58 10.90 -1.82
CA HIS B 256 4.48 10.13 -2.67
C HIS B 256 3.73 8.89 -3.17
N TRP B 257 3.87 8.62 -4.47
CA TRP B 257 3.22 7.46 -5.06
C TRP B 257 3.61 6.17 -4.34
N SER B 258 4.87 6.02 -3.94
CA SER B 258 5.30 4.78 -3.28
C SER B 258 4.55 4.52 -1.97
N GLU B 259 4.08 5.58 -1.29
CA GLU B 259 3.25 5.37 -0.11
C GLU B 259 1.87 4.89 -0.52
N CYS B 260 1.36 5.40 -1.64
CA CYS B 260 0.07 4.95 -2.14
C CYS B 260 0.13 3.47 -2.50
N GLU B 261 1.19 3.06 -3.20
CA GLU B 261 1.36 1.66 -3.55
C GLU B 261 1.52 0.80 -2.30
N ALA B 262 2.24 1.30 -1.29
CA ALA B 262 2.42 0.49 -0.08
C ALA B 262 1.09 0.28 0.64
N ILE B 263 0.23 1.30 0.64
CA ILE B 263 -1.09 1.15 1.27
C ILE B 263 -1.94 0.16 0.50
N ILE B 264 -1.94 0.25 -0.84
CA ILE B 264 -2.66 -0.73 -1.65
C ILE B 264 -2.19 -2.15 -1.33
N GLU B 265 -0.88 -2.33 -1.14
CA GLU B 265 -0.37 -3.66 -0.80
C GLU B 265 -0.98 -4.15 0.49
N ARG B 266 -1.19 -3.25 1.46
CA ARG B 266 -1.82 -3.64 2.71
C ARG B 266 -3.32 -3.84 2.54
N LEU B 267 -3.94 -3.14 1.59
CA LEU B 267 -5.38 -3.28 1.42
C LEU B 267 -5.75 -4.52 0.62
N TYR B 268 -4.92 -4.94 -0.35
CA TYR B 268 -5.35 -6.03 -1.21
C TYR B 268 -5.65 -7.32 -0.45
N PRO B 269 -4.83 -7.77 0.51
CA PRO B 269 -5.15 -9.07 1.14
C PRO B 269 -6.52 -9.08 1.81
N GLU B 270 -6.90 -7.98 2.47
CA GLU B 270 -8.20 -7.94 3.12
C GLU B 270 -9.35 -7.93 2.10
N LEU B 271 -9.20 -7.20 1.00
CA LEU B 271 -10.23 -7.24 -0.04
C LEU B 271 -10.40 -8.67 -0.56
N GLU B 272 -9.28 -9.38 -0.76
CA GLU B 272 -9.33 -10.75 -1.27
C GLU B 272 -10.06 -11.66 -0.29
N ARG B 273 -9.68 -11.59 1.00
CA ARG B 273 -10.38 -12.35 2.04
C ARG B 273 -11.89 -12.11 2.01
N ARG B 274 -12.30 -10.83 1.90
CA ARG B 274 -13.73 -10.53 2.00
C ARG B 274 -14.47 -10.96 0.75
N LEU B 275 -13.84 -10.79 -0.42
CA LEU B 275 -14.46 -11.25 -1.67
C LEU B 275 -14.52 -12.78 -1.72
N ALA B 276 -13.49 -13.45 -1.21
CA ALA B 276 -13.45 -14.91 -1.25
C ALA B 276 -14.61 -15.52 -0.49
N LYS B 277 -14.94 -14.95 0.66
CA LYS B 277 -16.01 -15.50 1.49
C LYS B 277 -17.34 -15.51 0.75
N VAL B 278 -17.53 -14.60 -0.21
CA VAL B 278 -18.81 -14.49 -0.91
C VAL B 278 -18.73 -14.93 -2.37
N LYS B 279 -17.54 -14.96 -2.98
CA LYS B 279 -17.36 -15.60 -4.29
C LYS B 279 -16.00 -16.27 -4.31
N PRO B 280 -15.94 -17.57 -4.01
CA PRO B 280 -14.63 -18.26 -3.86
C PRO B 280 -13.64 -18.08 -5.02
N ASP B 281 -14.12 -18.00 -6.27
CA ASP B 281 -13.23 -17.94 -7.43
C ASP B 281 -12.90 -16.50 -7.85
N LEU B 282 -13.31 -15.50 -7.06
CA LEU B 282 -12.93 -14.11 -7.25
C LEU B 282 -13.38 -13.54 -8.60
N LEU B 283 -14.39 -14.13 -9.23
CA LEU B 283 -14.86 -13.62 -10.52
C LEU B 283 -15.78 -12.43 -10.27
N ILE B 284 -15.59 -11.34 -11.02
CA ILE B 284 -16.26 -10.07 -10.74
C ILE B 284 -16.67 -9.42 -12.06
N ALA B 285 -17.45 -8.34 -11.94
CA ALA B 285 -17.83 -7.50 -13.09
C ALA B 285 -16.87 -6.32 -13.30
N ARG B 286 -16.55 -5.59 -12.23
CA ARG B 286 -15.68 -4.42 -12.31
C ARG B 286 -14.76 -4.42 -11.11
N GLN B 287 -13.64 -3.70 -11.26
CA GLN B 287 -12.81 -3.42 -10.10
C GLN B 287 -12.13 -2.08 -10.30
N GLY B 288 -11.74 -1.47 -9.19
CA GLY B 288 -11.09 -0.17 -9.27
C GLY B 288 -10.72 0.37 -7.91
N VAL B 289 -10.40 1.67 -7.89
CA VAL B 289 -9.73 2.30 -6.77
C VAL B 289 -10.42 3.62 -6.43
N LYS B 290 -10.07 4.12 -5.26
CA LYS B 290 -10.61 5.38 -4.76
C LYS B 290 -9.48 6.15 -4.08
N LEU B 291 -9.44 7.45 -4.34
CA LEU B 291 -8.57 8.39 -3.65
C LEU B 291 -9.42 9.53 -3.15
N LYS B 292 -9.22 9.93 -1.90
CA LYS B 292 -9.79 11.14 -1.33
C LYS B 292 -8.65 12.09 -0.99
N PHE B 293 -8.80 13.36 -1.37
CA PHE B 293 -7.70 14.32 -1.28
C PHE B 293 -7.87 15.19 -0.03
N ASP B 294 -6.86 16.07 0.20
CA ASP B 294 -6.81 16.88 1.40
C ASP B 294 -7.96 17.88 1.50
N ASP B 295 -8.53 18.28 0.37
CA ASP B 295 -9.70 19.16 0.33
C ASP B 295 -11.03 18.38 0.47
N PHE B 296 -10.96 17.10 0.77
CA PHE B 296 -12.11 16.21 0.94
C PHE B 296 -12.78 15.90 -0.38
N GLN B 297 -12.25 16.34 -1.51
CA GLN B 297 -12.74 15.81 -2.78
C GLN B 297 -12.28 14.37 -2.94
N GLN B 298 -13.04 13.60 -3.68
CA GLN B 298 -12.62 12.24 -3.93
C GLN B 298 -12.94 11.85 -5.36
N THR B 299 -12.18 10.88 -5.85
CA THR B 299 -12.38 10.37 -7.18
C THR B 299 -12.33 8.84 -7.10
N THR B 300 -13.08 8.20 -8.01
CA THR B 300 -13.09 6.76 -8.18
C THR B 300 -12.79 6.44 -9.64
N GLN B 301 -11.96 5.44 -9.86
CA GLN B 301 -11.64 4.98 -11.22
C GLN B 301 -11.80 3.47 -11.22
N GLU B 302 -12.83 3.00 -11.90
CA GLU B 302 -13.17 1.58 -11.95
C GLU B 302 -13.36 1.19 -13.40
N HIS B 303 -13.11 -0.08 -13.72
CA HIS B 303 -13.32 -0.56 -15.08
C HIS B 303 -13.82 -2.01 -15.07
N VAL B 304 -14.51 -2.36 -16.16
CA VAL B 304 -14.85 -3.75 -16.46
C VAL B 304 -13.63 -4.62 -16.24
N TRP B 305 -13.79 -5.70 -15.46
CA TRP B 305 -12.66 -6.57 -15.19
C TRP B 305 -13.19 -7.91 -14.72
N PRO B 306 -12.62 -9.03 -15.18
CA PRO B 306 -13.28 -10.32 -14.98
C PRO B 306 -12.95 -10.99 -13.64
N ARG B 307 -11.80 -10.66 -13.05
CA ARG B 307 -11.37 -11.35 -11.84
C ARG B 307 -10.48 -10.43 -11.01
N LEU B 308 -10.68 -10.44 -9.69
CA LEU B 308 -9.90 -9.60 -8.78
C LEU B 308 -8.42 -9.77 -9.06
N ASN B 309 -7.71 -8.65 -9.17
CA ASN B 309 -6.33 -8.67 -9.66
C ASN B 309 -5.55 -7.49 -9.10
N LYS B 310 -4.51 -7.78 -8.30
CA LYS B 310 -3.77 -6.73 -7.61
C LYS B 310 -2.97 -5.86 -8.58
N ALA B 311 -2.26 -6.48 -9.52
CA ALA B 311 -1.46 -5.72 -10.47
C ALA B 311 -2.32 -4.70 -11.22
N ASP B 312 -3.53 -5.10 -11.60
CA ASP B 312 -4.38 -4.17 -12.34
C ASP B 312 -4.91 -3.05 -11.45
N LEU B 313 -5.16 -3.34 -10.17
CA LEU B 313 -5.51 -2.29 -9.22
C LEU B 313 -4.37 -1.29 -9.05
N ILE B 314 -3.15 -1.80 -8.88
CA ILE B 314 -2.00 -0.91 -8.73
C ILE B 314 -1.80 -0.08 -9.99
N ALA B 315 -1.93 -0.70 -11.16
CA ALA B 315 -1.78 0.06 -12.41
C ALA B 315 -2.86 1.12 -12.54
N THR B 316 -4.09 0.79 -12.13
CA THR B 316 -5.19 1.75 -12.19
C THR B 316 -4.98 2.89 -11.19
N ALA B 317 -4.54 2.58 -9.97
CA ALA B 317 -4.24 3.61 -8.98
C ALA B 317 -3.16 4.56 -9.46
N ARG B 318 -2.16 4.04 -10.18
CA ARG B 318 -1.08 4.91 -10.63
C ARG B 318 -1.61 5.95 -11.59
N LYS B 319 -2.53 5.54 -12.45
CA LYS B 319 -3.18 6.48 -13.36
C LYS B 319 -4.05 7.48 -12.61
N THR B 320 -4.83 7.02 -11.63
CA THR B 320 -5.63 7.93 -10.82
C THR B 320 -4.72 8.93 -10.11
N TRP B 321 -3.64 8.42 -9.48
CA TRP B 321 -2.68 9.26 -8.79
C TRP B 321 -2.05 10.28 -9.73
N ASP B 322 -1.65 9.83 -10.92
CA ASP B 322 -0.94 10.69 -11.87
C ASP B 322 -1.87 11.73 -12.48
N GLU B 323 -3.11 11.33 -12.79
CA GLU B 323 -3.95 12.17 -13.63
C GLU B 323 -4.97 13.00 -12.85
N ARG B 324 -5.38 12.56 -11.67
CA ARG B 324 -6.47 13.23 -10.98
C ARG B 324 -6.06 13.89 -9.68
N ARG B 325 -4.87 13.60 -9.16
CA ARG B 325 -4.46 14.14 -7.87
C ARG B 325 -4.20 15.63 -7.95
N GLY B 326 -3.69 16.12 -9.07
CA GLY B 326 -3.45 17.56 -9.21
C GLY B 326 -2.57 18.13 -8.12
N GLY B 327 -1.52 17.42 -7.76
CA GLY B 327 -0.60 17.90 -6.74
C GLY B 327 -1.09 17.84 -5.31
N ARG B 328 -2.33 17.44 -5.08
CA ARG B 328 -2.87 17.47 -3.73
C ARG B 328 -2.38 16.29 -2.90
N GLY B 329 -2.48 16.43 -1.58
CA GLY B 329 -2.24 15.33 -0.68
C GLY B 329 -3.42 14.38 -0.64
N VAL B 330 -3.15 13.14 -0.25
CA VAL B 330 -4.17 12.09 -0.27
C VAL B 330 -4.41 11.61 1.16
N ARG B 331 -5.65 11.77 1.64
CA ARG B 331 -5.99 11.30 2.99
C ARG B 331 -6.56 9.89 3.04
N LEU B 332 -7.05 9.35 1.92
CA LEU B 332 -7.68 8.05 1.92
C LEU B 332 -7.32 7.33 0.62
N VAL B 333 -7.09 6.02 0.72
CA VAL B 333 -6.94 5.11 -0.41
C VAL B 333 -7.93 3.96 -0.19
N GLY B 334 -8.62 3.56 -1.25
CA GLY B 334 -9.53 2.43 -1.16
C GLY B 334 -9.48 1.56 -2.41
N LEU B 335 -9.88 0.29 -2.24
CA LEU B 335 -10.07 -0.64 -3.35
C LEU B 335 -11.52 -1.08 -3.40
N HIS B 336 -11.99 -1.39 -4.61
CA HIS B 336 -13.41 -1.61 -4.84
C HIS B 336 -13.64 -2.64 -5.93
N VAL B 337 -14.67 -3.45 -5.73
CA VAL B 337 -15.05 -4.51 -6.64
C VAL B 337 -16.56 -4.45 -6.83
N THR B 338 -17.01 -4.63 -8.08
CA THR B 338 -18.43 -4.77 -8.39
C THR B 338 -18.72 -6.22 -8.75
N LEU B 339 -19.67 -6.84 -8.05
CA LEU B 339 -19.91 -8.26 -8.28
C LEU B 339 -20.68 -8.51 -9.57
N LEU B 340 -20.61 -9.75 -10.05
CA LEU B 340 -21.47 -10.20 -11.15
C LEU B 340 -22.94 -10.15 -10.75
N ASP B 341 -23.83 -10.02 -11.76
CA ASP B 341 -25.24 -9.75 -11.53
C ASP B 341 -26.01 -10.83 -10.75
N PRO B 342 -25.93 -12.13 -11.11
CA PRO B 342 -26.86 -13.01 -10.38
C PRO B 342 -26.20 -13.99 -9.43
MG MG G . 34.49 -3.18 -1.65
MG MG H . 32.34 -4.59 -3.87
MG MG I . -30.36 1.33 15.90
MG MG J . -30.92 0.64 12.93
PA TTP K . 31.15 -2.01 -2.46
PA TTP K . 31.66 -1.85 -1.99
O1A TTP K . 32.36 -3.07 -2.08
O1A TTP K . 32.81 -2.81 -2.21
O2A TTP K . 29.90 -2.15 -1.73
O2A TTP K . 30.35 -2.57 -1.79
O3A TTP K . 31.94 -0.78 -1.56
O3A TTP K . 31.89 -0.86 -0.71
PB TTP K . 33.39 -0.45 -0.72
PB TTP K . 33.35 -0.27 -0.32
O1B TTP K . 34.60 -1.14 -1.33
O1B TTP K . 34.48 -0.91 -1.10
O2B TTP K . 33.66 1.04 -0.74
O2B TTP K . 33.39 1.22 -0.49
O3B TTP K . 33.26 -0.79 0.89
O3B TTP K . 33.45 -0.61 1.25
PG TTP K . 33.88 -2.15 1.60
PG TTP K . 33.94 -2.05 1.75
O1G TTP K . 35.24 -1.91 2.21
O1G TTP K . 35.39 -2.02 2.16
O2G TTP K . 32.89 -2.46 2.69
O2G TTP K . 33.10 -2.42 2.95
O3G TTP K . 33.96 -3.27 0.59
O3G TTP K . 33.75 -3.07 0.65
O5' TTP K . 31.27 -0.72 -3.53
O5' TTP K . 31.55 -0.84 -3.23
C5' TTP K . 32.53 -0.57 -4.22
C5' TTP K . 32.61 -0.71 -4.18
C4' TTP K . 32.63 0.91 -4.64
C4' TTP K . 32.59 0.73 -4.67
O4' TTP K . 31.31 1.25 -5.53
O4' TTP K . 31.34 0.99 -5.32
C3' TTP K . 32.48 1.69 -3.58
C3' TTP K . 32.60 1.71 -3.50
O3' TTP K . 33.78 2.01 -2.91
O3' TTP K . 33.92 2.09 -3.08
C2' TTP K . 31.85 2.99 -4.16
C2' TTP K . 31.81 2.91 -3.99
C1' TTP K . 30.87 2.45 -5.19
C1' TTP K . 30.88 2.33 -5.05
N1 TTP K . 29.51 2.37 -4.56
N1 TTP K . 29.51 2.31 -4.50
C2 TTP K . 28.64 3.31 -4.85
C2 TTP K . 28.62 3.36 -4.81
O2 TTP K . 28.95 4.17 -5.62
O2 TTP K . 29.00 4.27 -5.58
N3 TTP K . 27.43 3.28 -4.30
N3 TTP K . 27.38 3.37 -4.31
C4 TTP K . 27.05 2.34 -3.43
C4 TTP K . 26.95 2.41 -3.48
O4 TTP K . 25.96 2.34 -2.95
O4 TTP K . 25.80 2.42 -3.01
C5 TTP K . 27.95 1.34 -3.08
C5 TTP K . 27.88 1.31 -3.11
C5M TTP K . 27.55 0.23 -2.07
C5M TTP K . 27.42 0.21 -2.18
C6 TTP K . 29.23 1.40 -3.69
C6 TTP K . 29.15 1.33 -3.66
PA TTP L . -28.52 3.17 13.26
PA TTP L . -28.37 3.12 13.95
O1A TTP L . -28.81 4.40 12.53
O1A TTP L . -28.73 4.10 12.88
O2A TTP L . -29.88 2.47 13.89
O2A TTP L . -29.54 2.19 14.19
O3A TTP L . -27.94 3.68 14.76
O3A TTP L . -27.89 3.93 15.32
PB TTP L . -28.03 3.18 16.37
PB TTP L . -27.98 3.40 16.87
O1B TTP L . -26.64 3.14 16.94
O1B TTP L . -26.63 3.43 17.54
O2B TTP L . -28.65 1.81 16.50
O2B TTP L . -28.51 2.00 16.96
O3B TTP L . -28.88 4.32 17.22
O3B TTP L . -28.90 4.48 17.63
PG TTP L . -30.51 4.25 17.55
PG TTP L . -30.50 4.38 17.72
O1G TTP L . -31.08 5.65 17.47
O1G TTP L . -31.03 5.79 17.62
O2G TTP L . -31.19 3.34 16.55
O2G TTP L . -31.06 3.50 16.60
O3G TTP L . -30.72 3.71 18.95
O3G TTP L . -30.94 3.79 19.03
O5' TTP L . -26.92 2.69 13.32
O5' TTP L . -27.06 2.29 13.51
C5' TTP L . -26.76 1.36 13.81
C5' TTP L . -26.74 1.02 14.08
C4' TTP L . -25.30 1.07 14.13
C4' TTP L . -25.23 0.97 14.29
O4' TTP L . -24.42 1.32 12.78
O4' TTP L . -24.55 1.33 13.07
C3' TTP L . -24.86 1.88 15.05
C3' TTP L . -24.72 1.98 15.32
O3' TTP L . -24.84 1.20 16.39
O3' TTP L . -24.77 1.49 16.67
C2' TTP L . -23.42 2.28 14.62
C2' TTP L . -23.30 2.28 14.86
C1' TTP L . -23.41 2.08 13.09
C1' TTP L . -23.33 2.04 13.35
N1 TTP L . -23.47 3.42 12.45
N1 TTP L . -23.34 3.35 12.69
C2 TTP L . -22.37 3.94 11.94
C2 TTP L . -22.14 3.87 12.15
O2 TTP L . -21.35 3.32 11.99
O2 TTP L . -21.10 3.18 12.22
N3 TTP L . -22.41 5.15 11.38
N3 TTP L . -22.12 5.08 11.57
C4 TTP L . -23.51 5.87 11.30
C4 TTP L . -23.22 5.83 11.49
O4 TTP L . -23.51 6.94 10.78
O4 TTP L . -23.21 6.95 10.95
C5 TTP L . -24.68 5.35 11.82
C5 TTP L . -24.48 5.31 12.04
C5M TTP L . -25.99 6.15 11.75
C5M TTP L . -25.72 6.16 11.94
C6 TTP L . -24.62 4.08 12.42
C6 TTP L . -24.48 4.06 12.64
#